data_3K6K
#
_entry.id   3K6K
#
_cell.length_a   117.157
_cell.length_b   127.699
_cell.length_c   232.870
_cell.angle_alpha   90.000
_cell.angle_beta   90.000
_cell.angle_gamma   90.000
#
_symmetry.space_group_name_H-M   'I 21 21 21'
#
loop_
_entity.id
_entity.type
_entity.pdbx_description
1 polymer Esterase/lipase
2 non-polymer 'SULFATE ION'
3 non-polymer BETA-MERCAPTOETHANOL
4 water water
#
_entity_poly.entity_id   1
_entity_poly.type   'polypeptide(L)'
_entity_poly.pdbx_seq_one_letter_code
;MGAMDQEIGTVTDTKMDPRDFLQLLKINAEKAEKNLPLDQKRAGMEALCERFPRAEGVELTLTDLGGVPCIRQATDGAGA
AHILYFHGGGYISGSPSTHLVLTTQLAKQSSATLWSLDYRLAPENPFPAAVDDCVAAYRALLKTAGSADRIIIAGDSAGG
GLTTASMLKAKEDGLPMPAGLVMLSPFVDLTLSRWSNSNLADRDFLAEPDTLGEMSELYVGGEDRKNPLISPVYADLSGL
PEMLIHVGSEEALLSDSTTLAERAGAAGVSVELKIWPDMPHVFQMYGKFVNAADISIKEICHWISARISKLAAALEHHHH
HH
;
_entity_poly.pdbx_strand_id   A,B,C,D
#
loop_
_chem_comp.id
_chem_comp.type
_chem_comp.name
_chem_comp.formula
BME non-polymer BETA-MERCAPTOETHANOL 'C2 H6 O S'
SO4 non-polymer 'SULFATE ION' 'O4 S -2'
#
# COMPACT_ATOMS: atom_id res chain seq x y z
N ASP A 13 -35.43 -23.35 -23.07
CA ASP A 13 -36.15 -24.64 -23.38
C ASP A 13 -35.48 -25.94 -22.72
N THR A 14 -36.16 -27.09 -22.78
CA THR A 14 -35.92 -28.17 -21.77
C THR A 14 -34.66 -29.04 -21.98
N LYS A 15 -34.00 -29.34 -20.86
CA LYS A 15 -32.85 -30.24 -20.82
C LYS A 15 -32.94 -31.24 -19.66
N MET A 16 -32.26 -32.36 -19.77
CA MET A 16 -32.17 -33.29 -18.65
C MET A 16 -31.06 -32.85 -17.70
N ASP A 17 -31.20 -33.25 -16.43
CA ASP A 17 -30.07 -33.24 -15.52
C ASP A 17 -29.00 -34.19 -16.05
N PRO A 18 -27.74 -33.76 -16.10
CA PRO A 18 -26.82 -34.72 -16.66
C PRO A 18 -26.85 -36.14 -16.05
N ARG A 19 -27.09 -36.27 -14.75
CA ARG A 19 -27.02 -37.60 -14.15
C ARG A 19 -28.20 -38.47 -14.63
N ASP A 20 -29.27 -37.80 -15.08
CA ASP A 20 -30.47 -38.48 -15.52
C ASP A 20 -30.23 -38.99 -16.92
N PHE A 21 -29.50 -38.21 -17.72
CA PHE A 21 -29.20 -38.60 -19.08
C PHE A 21 -28.26 -39.80 -19.02
N LEU A 22 -27.32 -39.80 -18.08
CA LEU A 22 -26.43 -40.95 -17.87
C LEU A 22 -27.20 -42.24 -17.60
N GLN A 23 -28.29 -42.13 -16.81
CA GLN A 23 -29.13 -43.28 -16.48
C GLN A 23 -29.88 -43.75 -17.75
N LEU A 24 -30.25 -42.83 -18.61
CA LEU A 24 -30.89 -43.21 -19.80
C LEU A 24 -29.88 -43.95 -20.67
N LEU A 25 -28.63 -43.49 -20.75
CA LEU A 25 -27.56 -44.24 -21.43
C LEU A 25 -27.25 -45.61 -20.78
N LYS A 26 -27.26 -45.68 -19.46
CA LYS A 26 -27.06 -46.98 -18.80
C LYS A 26 -28.11 -47.98 -19.30
N ILE A 27 -29.38 -47.58 -19.31
CA ILE A 27 -30.44 -48.49 -19.73
C ILE A 27 -30.25 -48.99 -21.14
N ASN A 28 -29.85 -48.11 -22.05
CA ASN A 28 -29.63 -48.58 -23.42
C ASN A 28 -28.49 -49.55 -23.50
N ALA A 29 -27.51 -49.36 -22.66
CA ALA A 29 -26.36 -50.21 -22.69
C ALA A 29 -26.73 -51.61 -22.18
N GLU A 30 -27.47 -51.68 -21.06
CA GLU A 30 -28.01 -52.93 -20.48
C GLU A 30 -28.77 -53.84 -21.46
N LYS A 31 -29.61 -53.22 -22.27
CA LYS A 31 -30.63 -53.86 -23.05
C LYS A 31 -30.32 -53.79 -24.53
N ALA A 32 -29.04 -53.79 -24.89
CA ALA A 32 -28.66 -53.84 -26.31
C ALA A 32 -28.15 -55.25 -26.58
N GLU A 33 -28.36 -55.72 -27.80
CA GLU A 33 -28.16 -57.13 -28.18
C GLU A 33 -26.70 -57.45 -27.97
N LYS A 34 -26.38 -58.67 -27.51
CA LYS A 34 -24.97 -58.96 -27.17
C LYS A 34 -23.99 -58.98 -28.40
N ASN A 35 -24.44 -59.54 -29.54
CA ASN A 35 -23.55 -59.61 -30.71
C ASN A 35 -24.27 -59.21 -31.96
N LEU A 36 -24.55 -57.92 -32.15
CA LEU A 36 -25.27 -57.53 -33.34
C LEU A 36 -24.34 -57.71 -34.52
N PRO A 37 -24.89 -58.05 -35.69
CA PRO A 37 -24.05 -58.08 -36.86
C PRO A 37 -23.56 -56.67 -37.14
N LEU A 38 -22.32 -56.55 -37.57
CA LEU A 38 -21.79 -55.25 -37.80
C LEU A 38 -22.52 -54.46 -38.89
N ASP A 39 -23.00 -55.10 -39.98
CA ASP A 39 -23.87 -54.39 -40.96
C ASP A 39 -25.16 -53.89 -40.34
N GLN A 40 -25.67 -54.60 -39.34
CA GLN A 40 -26.89 -54.16 -38.66
C GLN A 40 -26.58 -53.02 -37.67
N LYS A 41 -25.44 -53.11 -37.01
CA LYS A 41 -25.05 -52.09 -36.07
C LYS A 41 -24.92 -50.75 -36.86
N ARG A 42 -24.30 -50.83 -38.02
CA ARG A 42 -24.11 -49.70 -38.89
C ARG A 42 -25.44 -49.15 -39.40
N ALA A 43 -26.29 -50.07 -39.92
CA ALA A 43 -27.64 -49.73 -40.38
C ALA A 43 -28.49 -49.08 -39.28
N GLY A 44 -28.35 -49.58 -38.05
CA GLY A 44 -29.07 -49.08 -36.87
C GLY A 44 -28.53 -47.82 -36.20
N MET A 45 -27.21 -47.62 -36.26
CA MET A 45 -26.67 -46.31 -35.98
C MET A 45 -27.22 -45.31 -37.00
N GLU A 46 -27.32 -45.70 -38.26
CA GLU A 46 -27.82 -44.80 -39.30
C GLU A 46 -29.27 -44.40 -39.00
N ALA A 47 -30.12 -45.37 -38.67
CA ALA A 47 -31.57 -45.12 -38.54
C ALA A 47 -31.86 -44.25 -37.32
N LEU A 48 -31.23 -44.56 -36.19
CA LEU A 48 -31.36 -43.77 -34.98
C LEU A 48 -30.82 -42.34 -35.23
N CYS A 49 -29.68 -42.22 -35.87
CA CYS A 49 -29.10 -40.89 -36.06
C CYS A 49 -29.89 -39.89 -36.94
N GLU A 50 -30.59 -40.37 -37.98
CA GLU A 50 -31.50 -39.51 -38.77
C GLU A 50 -32.50 -38.74 -37.92
N ARG A 51 -32.85 -39.28 -36.75
CA ARG A 51 -33.78 -38.64 -35.78
C ARG A 51 -33.30 -37.34 -35.10
N PHE A 52 -31.99 -37.12 -35.00
CA PHE A 52 -31.48 -35.97 -34.28
C PHE A 52 -31.50 -34.74 -35.16
N PRO A 53 -31.76 -33.56 -34.57
CA PRO A 53 -31.89 -32.36 -35.39
C PRO A 53 -30.54 -31.93 -35.96
N ARG A 54 -30.59 -31.15 -37.06
CA ARG A 54 -29.43 -30.68 -37.81
C ARG A 54 -29.52 -29.13 -37.90
N ALA A 55 -28.41 -28.42 -37.96
CA ALA A 55 -28.57 -26.97 -37.83
C ALA A 55 -29.38 -26.39 -39.01
N GLU A 56 -30.30 -25.49 -38.68
CA GLU A 56 -31.14 -24.87 -39.68
C GLU A 56 -30.22 -24.11 -40.58
N GLY A 57 -30.42 -24.25 -41.87
CA GLY A 57 -29.74 -23.38 -42.83
C GLY A 57 -28.40 -23.92 -43.28
N VAL A 58 -28.06 -25.11 -42.82
CA VAL A 58 -26.84 -25.77 -43.23
C VAL A 58 -27.13 -26.65 -44.42
N GLU A 59 -26.60 -26.28 -45.57
CA GLU A 59 -26.83 -26.99 -46.83
C GLU A 59 -25.88 -28.15 -46.94
N LEU A 60 -26.43 -29.27 -47.39
CA LEU A 60 -25.66 -30.50 -47.46
C LEU A 60 -25.29 -30.86 -48.87
N THR A 61 -24.05 -30.57 -49.25
CA THR A 61 -23.58 -30.91 -50.60
C THR A 61 -22.81 -32.27 -50.66
N LEU A 62 -23.25 -33.18 -51.52
CA LEU A 62 -22.57 -34.50 -51.59
C LEU A 62 -21.36 -34.35 -52.53
N THR A 63 -20.14 -34.49 -52.03
CA THR A 63 -19.00 -34.26 -52.93
C THR A 63 -17.85 -35.24 -52.66
N ASP A 64 -16.64 -34.86 -53.11
CA ASP A 64 -15.42 -35.61 -52.80
C ASP A 64 -14.23 -34.67 -52.51
N LEU A 65 -13.24 -35.18 -51.79
CA LEU A 65 -11.99 -34.48 -51.66
C LEU A 65 -10.96 -35.49 -52.03
N GLY A 66 -10.30 -35.27 -53.17
CA GLY A 66 -9.28 -36.19 -53.66
C GLY A 66 -9.74 -37.64 -53.80
N GLY A 67 -10.99 -37.83 -54.24
CA GLY A 67 -11.49 -39.18 -54.53
C GLY A 67 -12.22 -39.81 -53.36
N VAL A 68 -12.18 -39.16 -52.19
CA VAL A 68 -12.83 -39.67 -50.98
C VAL A 68 -14.17 -38.95 -50.82
N PRO A 69 -15.26 -39.72 -50.69
CA PRO A 69 -16.61 -39.14 -50.62
C PRO A 69 -16.78 -38.31 -49.37
N CYS A 70 -17.46 -37.19 -49.50
CA CYS A 70 -17.71 -36.42 -48.33
C CYS A 70 -18.99 -35.65 -48.43
N ILE A 71 -19.52 -35.25 -47.29
CA ILE A 71 -20.63 -34.34 -47.27
C ILE A 71 -20.08 -32.99 -46.85
N ARG A 72 -20.14 -32.02 -47.76
CA ARG A 72 -19.73 -30.67 -47.51
C ARG A 72 -20.92 -29.94 -46.92
N GLN A 73 -20.65 -29.05 -45.96
CA GLN A 73 -21.69 -28.49 -45.11
C GLN A 73 -21.35 -27.05 -44.79
N ALA A 74 -22.34 -26.19 -44.97
CA ALA A 74 -22.15 -24.76 -44.79
C ALA A 74 -23.47 -23.97 -44.91
N THR A 75 -23.51 -22.82 -44.31
CA THR A 75 -24.47 -21.83 -44.61
C THR A 75 -24.04 -20.98 -45.81
N ASP A 76 -25.05 -20.41 -46.45
CA ASP A 76 -25.00 -19.29 -47.33
C ASP A 76 -24.09 -18.17 -46.79
N GLY A 77 -24.10 -17.96 -45.50
CA GLY A 77 -23.25 -16.93 -44.96
C GLY A 77 -21.78 -17.17 -44.64
N ALA A 78 -21.22 -18.27 -45.08
CA ALA A 78 -19.93 -18.72 -44.60
C ALA A 78 -18.73 -17.97 -45.07
N GLY A 79 -17.86 -17.66 -44.13
CA GLY A 79 -16.51 -17.17 -44.40
C GLY A 79 -15.68 -18.20 -45.14
N ALA A 80 -14.37 -17.99 -45.21
CA ALA A 80 -13.50 -18.81 -46.06
C ALA A 80 -12.72 -19.88 -45.30
N ALA A 81 -13.01 -20.05 -44.02
CA ALA A 81 -12.45 -21.16 -43.24
C ALA A 81 -12.99 -22.55 -43.68
N HIS A 82 -12.16 -23.57 -43.61
CA HIS A 82 -12.59 -24.91 -43.87
C HIS A 82 -12.27 -25.76 -42.66
N ILE A 83 -13.21 -26.66 -42.29
CA ILE A 83 -13.03 -27.66 -41.28
C ILE A 83 -13.04 -29.04 -41.97
N LEU A 84 -11.98 -29.81 -41.79
CA LEU A 84 -11.97 -31.09 -42.37
C LEU A 84 -12.28 -32.04 -41.21
N TYR A 85 -13.45 -32.71 -41.26
CA TYR A 85 -13.98 -33.51 -40.13
C TYR A 85 -13.87 -35.05 -40.31
N PHE A 86 -13.40 -35.76 -39.29
CA PHE A 86 -13.43 -37.20 -39.32
C PHE A 86 -14.35 -37.78 -38.21
N HIS A 87 -15.34 -38.58 -38.57
CA HIS A 87 -16.33 -39.08 -37.61
C HIS A 87 -15.75 -40.23 -36.78
N GLY A 88 -16.38 -40.53 -35.66
CA GLY A 88 -15.94 -41.62 -34.84
C GLY A 88 -16.82 -42.81 -35.08
N GLY A 89 -16.53 -43.86 -34.28
CA GLY A 89 -17.20 -45.14 -34.39
C GLY A 89 -16.22 -46.32 -34.37
N GLY A 90 -15.11 -46.16 -33.65
CA GLY A 90 -14.24 -47.30 -33.41
C GLY A 90 -13.46 -47.78 -34.62
N TYR A 91 -13.35 -46.94 -35.65
CA TYR A 91 -12.79 -47.26 -36.94
C TYR A 91 -13.63 -48.30 -37.68
N ILE A 92 -14.80 -48.68 -37.15
CA ILE A 92 -15.56 -49.73 -37.82
C ILE A 92 -16.97 -49.31 -38.19
N SER A 93 -17.40 -48.12 -37.79
CA SER A 93 -18.72 -47.62 -38.11
C SER A 93 -18.71 -46.12 -38.16
N GLY A 94 -19.85 -45.54 -38.54
CA GLY A 94 -20.07 -44.15 -38.41
C GLY A 94 -20.05 -43.64 -39.82
N SER A 95 -20.46 -42.38 -40.04
CA SER A 95 -20.40 -41.85 -41.41
C SER A 95 -20.69 -40.38 -41.36
N PRO A 96 -20.46 -39.67 -42.47
CA PRO A 96 -20.82 -38.28 -42.38
C PRO A 96 -22.31 -38.06 -41.96
N SER A 97 -23.20 -38.94 -42.42
CA SER A 97 -24.62 -38.89 -42.07
C SER A 97 -24.90 -39.08 -40.62
N THR A 98 -24.37 -40.11 -39.98
CA THR A 98 -24.58 -40.28 -38.54
C THR A 98 -24.14 -39.10 -37.68
N HIS A 99 -23.28 -38.20 -38.19
CA HIS A 99 -22.67 -37.15 -37.35
C HIS A 99 -23.20 -35.75 -37.74
N LEU A 100 -24.12 -35.78 -38.69
CA LEU A 100 -24.72 -34.55 -39.11
C LEU A 100 -25.08 -33.73 -37.95
N VAL A 101 -25.72 -34.32 -36.95
CA VAL A 101 -26.11 -33.63 -35.74
C VAL A 101 -24.98 -32.78 -35.13
N LEU A 102 -23.80 -33.34 -34.99
CA LEU A 102 -22.68 -32.65 -34.42
C LEU A 102 -22.09 -31.63 -35.43
N THR A 103 -21.80 -32.06 -36.67
CA THR A 103 -21.00 -31.29 -37.67
C THR A 103 -21.72 -30.11 -38.29
N THR A 104 -23.03 -30.22 -38.39
CA THR A 104 -23.82 -29.10 -38.87
C THR A 104 -23.78 -27.98 -37.87
N GLN A 105 -23.74 -28.33 -36.59
CA GLN A 105 -23.53 -27.30 -35.55
C GLN A 105 -22.12 -26.71 -35.69
N LEU A 106 -21.10 -27.54 -35.83
CA LEU A 106 -19.75 -27.01 -36.01
C LEU A 106 -19.77 -26.00 -37.18
N ALA A 107 -20.39 -26.37 -38.31
CA ALA A 107 -20.41 -25.49 -39.49
C ALA A 107 -21.13 -24.11 -39.25
N LYS A 108 -22.37 -24.15 -38.76
CA LYS A 108 -23.12 -22.96 -38.52
C LYS A 108 -22.45 -21.97 -37.51
N GLN A 109 -22.11 -22.47 -36.31
CA GLN A 109 -21.48 -21.66 -35.26
C GLN A 109 -20.02 -21.24 -35.54
N SER A 110 -19.41 -21.82 -36.55
CA SER A 110 -18.06 -21.38 -36.85
C SER A 110 -17.96 -20.62 -38.16
N SER A 111 -19.10 -20.38 -38.85
CA SER A 111 -19.12 -19.73 -40.20
C SER A 111 -18.13 -20.36 -41.19
N ALA A 112 -18.01 -21.67 -41.11
CA ALA A 112 -17.06 -22.40 -41.90
C ALA A 112 -17.78 -23.34 -42.89
N THR A 113 -16.99 -23.81 -43.83
CA THR A 113 -17.38 -24.87 -44.67
C THR A 113 -16.76 -26.11 -44.07
N LEU A 114 -17.59 -27.07 -43.72
CA LEU A 114 -17.08 -28.26 -43.10
C LEU A 114 -17.22 -29.39 -44.11
N TRP A 115 -16.24 -30.28 -44.17
CA TRP A 115 -16.20 -31.34 -45.16
C TRP A 115 -16.11 -32.56 -44.28
N SER A 116 -17.20 -33.31 -44.15
CA SER A 116 -17.21 -34.48 -43.30
C SER A 116 -16.84 -35.70 -44.12
N LEU A 117 -15.67 -36.23 -43.83
CA LEU A 117 -15.10 -37.23 -44.71
C LEU A 117 -15.74 -38.56 -44.52
N ASP A 118 -16.09 -39.26 -45.62
CA ASP A 118 -16.45 -40.70 -45.53
C ASP A 118 -15.22 -41.59 -45.71
N TYR A 119 -14.21 -41.42 -44.85
CA TYR A 119 -13.03 -42.28 -44.91
C TYR A 119 -13.45 -43.72 -44.82
N ARG A 120 -12.59 -44.62 -45.28
CA ARG A 120 -12.85 -46.05 -45.32
C ARG A 120 -12.80 -46.69 -43.98
N LEU A 121 -13.78 -47.56 -43.75
CA LEU A 121 -13.90 -48.34 -42.52
C LEU A 121 -13.32 -49.72 -42.54
N ALA A 122 -13.12 -50.30 -41.36
CA ALA A 122 -12.69 -51.66 -41.19
C ALA A 122 -13.88 -52.48 -40.67
N PRO A 123 -13.87 -53.84 -40.80
CA PRO A 123 -12.80 -54.68 -41.31
C PRO A 123 -12.72 -54.75 -42.83
N GLU A 124 -13.64 -54.16 -43.58
CA GLU A 124 -13.44 -54.22 -45.02
C GLU A 124 -12.01 -53.77 -45.28
N ASN A 125 -11.73 -52.51 -44.96
CA ASN A 125 -10.45 -51.92 -45.15
C ASN A 125 -9.76 -51.58 -43.83
N PRO A 126 -8.80 -52.41 -43.37
CA PRO A 126 -8.05 -52.19 -42.12
C PRO A 126 -6.96 -51.09 -42.18
N PHE A 127 -6.31 -50.82 -41.04
CA PHE A 127 -5.16 -49.93 -41.04
C PHE A 127 -4.20 -50.36 -42.15
N PRO A 128 -3.71 -49.42 -42.99
CA PRO A 128 -3.78 -47.93 -42.94
C PRO A 128 -4.83 -47.19 -43.77
N ALA A 129 -5.89 -47.89 -44.16
CA ALA A 129 -6.78 -47.31 -45.17
C ALA A 129 -7.32 -45.91 -44.82
N ALA A 130 -7.97 -45.80 -43.66
CA ALA A 130 -8.58 -44.53 -43.19
C ALA A 130 -7.57 -43.39 -43.08
N VAL A 131 -6.38 -43.70 -42.57
CA VAL A 131 -5.33 -42.72 -42.62
C VAL A 131 -5.03 -42.21 -44.03
N ASP A 132 -4.83 -43.12 -45.02
CA ASP A 132 -4.39 -42.58 -46.32
C ASP A 132 -5.47 -41.71 -46.95
N ASP A 133 -6.73 -42.08 -46.67
CA ASP A 133 -7.88 -41.36 -47.10
C ASP A 133 -7.90 -39.91 -46.51
N CYS A 134 -7.67 -39.84 -45.18
CA CYS A 134 -7.61 -38.54 -44.45
C CYS A 134 -6.54 -37.62 -45.03
N VAL A 135 -5.35 -38.18 -45.25
CA VAL A 135 -4.22 -37.46 -45.90
C VAL A 135 -4.55 -37.04 -47.30
N ALA A 136 -5.12 -37.96 -48.06
CA ALA A 136 -5.48 -37.64 -49.43
C ALA A 136 -6.47 -36.49 -49.43
N ALA A 137 -7.43 -36.53 -48.49
CA ALA A 137 -8.45 -35.47 -48.44
C ALA A 137 -7.84 -34.10 -48.10
N TYR A 138 -6.95 -34.11 -47.11
CA TYR A 138 -6.25 -32.91 -46.69
C TYR A 138 -5.46 -32.30 -47.85
N ARG A 139 -4.66 -33.13 -48.50
CA ARG A 139 -3.89 -32.69 -49.68
C ARG A 139 -4.83 -31.98 -50.66
N ALA A 140 -5.94 -32.64 -50.95
CA ALA A 140 -6.92 -32.07 -51.85
C ALA A 140 -7.53 -30.83 -51.31
N LEU A 141 -7.70 -30.76 -49.99
CA LEU A 141 -8.31 -29.59 -49.39
C LEU A 141 -7.33 -28.36 -49.37
N LEU A 142 -6.04 -28.64 -49.26
CA LEU A 142 -5.02 -27.59 -49.36
C LEU A 142 -5.18 -26.73 -50.64
N LYS A 143 -5.33 -27.40 -51.79
CA LYS A 143 -5.69 -26.74 -53.10
C LYS A 143 -7.03 -25.99 -53.12
N THR A 144 -8.11 -26.59 -52.59
CA THR A 144 -9.44 -25.92 -52.56
C THR A 144 -9.42 -24.70 -51.64
N ALA A 145 -8.82 -24.85 -50.45
CA ALA A 145 -8.73 -23.75 -49.49
C ALA A 145 -7.64 -22.72 -49.83
N GLY A 146 -6.69 -23.13 -50.66
CA GLY A 146 -5.67 -22.22 -51.12
C GLY A 146 -4.54 -22.00 -50.14
N SER A 147 -4.75 -22.39 -48.88
CA SER A 147 -3.74 -22.22 -47.79
C SER A 147 -4.00 -23.14 -46.60
N ALA A 148 -2.95 -23.65 -45.95
CA ALA A 148 -3.15 -24.50 -44.76
C ALA A 148 -3.70 -23.74 -43.54
N ASP A 149 -3.69 -22.40 -43.58
CA ASP A 149 -3.94 -21.53 -42.44
C ASP A 149 -5.41 -21.21 -42.34
N ARG A 150 -6.19 -21.82 -43.21
CA ARG A 150 -7.61 -21.65 -43.08
C ARG A 150 -8.31 -22.98 -42.88
N ILE A 151 -7.55 -23.97 -42.49
CA ILE A 151 -8.06 -25.29 -42.26
C ILE A 151 -7.84 -25.68 -40.82
N ILE A 152 -8.93 -26.18 -40.20
CA ILE A 152 -8.88 -26.93 -38.94
C ILE A 152 -9.20 -28.42 -39.16
N ILE A 153 -8.58 -29.29 -38.39
CA ILE A 153 -8.88 -30.70 -38.51
C ILE A 153 -9.54 -31.12 -37.20
N ALA A 154 -10.74 -31.71 -37.32
CA ALA A 154 -11.61 -32.04 -36.19
C ALA A 154 -12.14 -33.47 -36.32
N GLY A 155 -12.62 -34.04 -35.24
CA GLY A 155 -12.97 -35.45 -35.23
C GLY A 155 -13.19 -35.98 -33.81
N ASP A 156 -14.03 -37.01 -33.71
CA ASP A 156 -14.37 -37.59 -32.41
C ASP A 156 -13.92 -39.09 -32.31
N SER A 157 -13.73 -39.59 -31.11
CA SER A 157 -13.39 -40.99 -30.92
C SER A 157 -12.26 -41.37 -31.93
N ALA A 158 -12.50 -42.26 -32.87
CA ALA A 158 -11.53 -42.56 -33.93
C ALA A 158 -11.37 -41.37 -34.83
N GLY A 159 -12.40 -40.56 -34.98
CA GLY A 159 -12.25 -39.33 -35.75
C GLY A 159 -11.12 -38.49 -35.14
N GLY A 160 -11.07 -38.45 -33.80
CA GLY A 160 -9.99 -37.78 -33.04
C GLY A 160 -8.61 -38.42 -33.19
N GLY A 161 -8.53 -39.74 -33.08
CA GLY A 161 -7.32 -40.47 -33.44
C GLY A 161 -6.73 -40.07 -34.80
N LEU A 162 -7.56 -40.15 -35.83
CA LEU A 162 -7.17 -39.81 -37.17
C LEU A 162 -6.83 -38.37 -37.39
N THR A 163 -7.48 -37.43 -36.67
CA THR A 163 -7.06 -36.07 -36.77
C THR A 163 -5.60 -35.83 -36.33
N THR A 164 -5.11 -36.57 -35.35
CA THR A 164 -3.68 -36.58 -35.06
C THR A 164 -2.85 -37.37 -36.06
N ALA A 165 -3.00 -38.71 -36.06
CA ALA A 165 -2.44 -39.59 -37.12
C ALA A 165 -2.36 -39.02 -38.57
N SER A 166 -3.48 -38.62 -39.17
CA SER A 166 -3.42 -37.99 -40.51
C SER A 166 -2.40 -36.83 -40.66
N MET A 167 -2.15 -36.08 -39.58
CA MET A 167 -1.26 -34.93 -39.69
C MET A 167 0.19 -35.37 -39.51
N LEU A 168 0.40 -36.40 -38.66
CA LEU A 168 1.69 -37.03 -38.56
C LEU A 168 2.17 -37.49 -39.96
N LYS A 169 1.31 -38.21 -40.68
CA LYS A 169 1.56 -38.67 -42.06
C LYS A 169 1.67 -37.45 -43.00
N ALA A 170 0.74 -36.51 -42.84
CA ALA A 170 0.79 -35.31 -43.65
C ALA A 170 2.18 -34.67 -43.42
N LYS A 171 2.69 -34.71 -42.19
CA LYS A 171 3.98 -34.09 -41.84
C LYS A 171 5.13 -34.88 -42.47
N GLU A 172 5.19 -36.21 -42.23
CA GLU A 172 6.14 -37.14 -42.89
C GLU A 172 6.24 -36.78 -44.36
N ASP A 173 5.09 -36.66 -45.01
CA ASP A 173 5.01 -36.44 -46.45
C ASP A 173 5.35 -35.03 -46.90
N GLY A 174 5.60 -34.10 -46.00
CA GLY A 174 6.02 -32.78 -46.45
C GLY A 174 4.89 -31.81 -46.74
N LEU A 175 3.70 -32.08 -46.19
CA LEU A 175 2.57 -31.18 -46.37
C LEU A 175 2.58 -30.13 -45.27
N PRO A 176 2.17 -28.89 -45.58
CA PRO A 176 2.17 -27.92 -44.47
C PRO A 176 1.19 -28.37 -43.37
N MET A 177 1.23 -27.70 -42.21
CA MET A 177 0.34 -28.00 -41.10
C MET A 177 -0.80 -26.97 -41.06
N PRO A 178 -2.00 -27.42 -40.64
CA PRO A 178 -3.20 -26.63 -40.57
C PRO A 178 -3.16 -25.64 -39.44
N ALA A 179 -4.16 -24.74 -39.42
CA ALA A 179 -4.27 -23.78 -38.34
C ALA A 179 -4.50 -24.40 -36.94
N GLY A 180 -5.01 -25.63 -36.83
CA GLY A 180 -5.25 -26.30 -35.52
C GLY A 180 -5.89 -27.71 -35.61
N LEU A 181 -5.86 -28.44 -34.51
CA LEU A 181 -6.48 -29.71 -34.45
C LEU A 181 -7.55 -29.64 -33.34
N VAL A 182 -8.83 -29.93 -33.63
CA VAL A 182 -9.83 -30.21 -32.57
C VAL A 182 -10.19 -31.68 -32.39
N MET A 183 -10.25 -32.16 -31.15
CA MET A 183 -10.55 -33.57 -30.87
C MET A 183 -11.57 -33.76 -29.73
N LEU A 184 -12.64 -34.51 -30.01
CA LEU A 184 -13.74 -34.68 -29.07
C LEU A 184 -13.59 -36.12 -28.58
N SER A 185 -13.19 -36.33 -27.31
CA SER A 185 -13.02 -37.66 -26.73
C SER A 185 -12.14 -38.57 -27.62
N PRO A 186 -10.91 -38.12 -27.98
CA PRO A 186 -10.13 -38.85 -28.94
C PRO A 186 -9.75 -40.29 -28.52
N PHE A 187 -9.82 -41.22 -29.45
CA PHE A 187 -9.41 -42.63 -29.21
C PHE A 187 -8.00 -42.75 -29.74
N VAL A 188 -7.01 -42.79 -28.84
CA VAL A 188 -5.65 -42.63 -29.28
C VAL A 188 -4.70 -43.64 -28.70
N ASP A 189 -5.23 -44.59 -27.93
CA ASP A 189 -4.39 -45.67 -27.43
C ASP A 189 -5.08 -47.01 -27.55
N LEU A 190 -4.92 -47.68 -28.70
CA LEU A 190 -5.56 -48.99 -28.91
C LEU A 190 -5.03 -50.12 -28.07
N THR A 191 -4.07 -49.81 -27.19
CA THR A 191 -3.72 -50.78 -26.15
C THR A 191 -4.71 -50.87 -25.01
N LEU A 192 -5.52 -49.83 -24.79
CA LEU A 192 -6.58 -49.89 -23.75
C LEU A 192 -6.13 -50.38 -22.37
N SER A 193 -5.28 -49.62 -21.66
CA SER A 193 -4.45 -50.17 -20.57
C SER A 193 -4.23 -49.19 -19.43
N ARG A 194 -4.58 -47.93 -19.72
CA ARG A 194 -4.30 -46.74 -18.92
C ARG A 194 -5.35 -46.62 -17.79
N TRP A 195 -5.21 -45.62 -16.92
CA TRP A 195 -5.99 -45.57 -15.70
C TRP A 195 -7.54 -45.56 -15.89
N SER A 196 -8.06 -44.69 -16.79
CA SER A 196 -9.52 -44.60 -16.93
C SER A 196 -10.07 -45.90 -17.53
N ASN A 197 -9.27 -46.59 -18.34
CA ASN A 197 -9.75 -47.84 -18.96
C ASN A 197 -10.29 -48.84 -17.96
N SER A 198 -9.73 -48.84 -16.77
CA SER A 198 -10.20 -49.84 -15.81
C SER A 198 -11.00 -49.11 -14.76
N ASN A 199 -10.54 -47.95 -14.35
CA ASN A 199 -11.29 -47.27 -13.33
C ASN A 199 -12.68 -46.82 -13.69
N LEU A 200 -12.84 -46.37 -14.93
CA LEU A 200 -14.03 -45.68 -15.26
C LEU A 200 -14.88 -46.51 -16.20
N ALA A 201 -14.47 -47.75 -16.43
CA ALA A 201 -15.15 -48.64 -17.36
C ALA A 201 -16.66 -48.72 -17.19
N ASP A 202 -17.10 -49.00 -15.98
CA ASP A 202 -18.47 -49.13 -15.60
C ASP A 202 -19.24 -47.85 -15.56
N ARG A 203 -18.61 -46.72 -15.79
CA ARG A 203 -19.34 -45.50 -15.84
C ARG A 203 -19.59 -45.11 -17.30
N ASP A 204 -18.99 -45.86 -18.24
CA ASP A 204 -19.03 -45.57 -19.68
C ASP A 204 -20.02 -46.47 -20.43
N PHE A 205 -21.14 -45.88 -20.84
CA PHE A 205 -22.21 -46.65 -21.45
C PHE A 205 -22.30 -46.27 -22.92
N LEU A 206 -21.23 -45.71 -23.46
CA LEU A 206 -21.18 -45.47 -24.88
C LEU A 206 -19.96 -46.06 -25.55
N ALA A 207 -18.78 -45.84 -24.94
CA ALA A 207 -17.54 -46.27 -25.57
C ALA A 207 -17.46 -47.80 -25.54
N GLU A 208 -18.28 -48.44 -24.72
CA GLU A 208 -18.36 -49.91 -24.78
C GLU A 208 -16.98 -50.55 -24.49
N PRO A 209 -16.44 -50.27 -23.30
CA PRO A 209 -15.13 -50.82 -22.95
C PRO A 209 -14.98 -52.33 -23.17
N ASP A 210 -15.98 -53.09 -22.79
CA ASP A 210 -15.86 -54.53 -22.84
C ASP A 210 -15.65 -55.14 -24.24
N THR A 211 -16.21 -54.54 -25.29
CA THR A 211 -16.03 -55.00 -26.66
C THR A 211 -14.88 -54.31 -27.38
N LEU A 212 -14.69 -53.00 -27.10
CA LEU A 212 -13.64 -52.15 -27.69
C LEU A 212 -12.35 -52.88 -27.94
N GLY A 213 -11.99 -53.76 -27.00
CA GLY A 213 -10.89 -54.70 -27.18
C GLY A 213 -10.91 -55.35 -28.54
N GLU A 214 -11.86 -56.26 -28.75
CA GLU A 214 -11.90 -57.04 -30.00
C GLU A 214 -12.45 -56.26 -31.21
N MET A 215 -13.34 -55.27 -30.95
CA MET A 215 -13.81 -54.33 -31.96
C MET A 215 -12.63 -53.78 -32.72
N SER A 216 -11.74 -53.06 -32.03
CA SER A 216 -10.63 -52.34 -32.65
C SER A 216 -9.61 -53.27 -33.32
N GLU A 217 -9.58 -54.53 -32.88
CA GLU A 217 -8.75 -55.52 -33.57
C GLU A 217 -9.02 -55.47 -35.07
N LEU A 218 -10.28 -55.29 -35.45
CA LEU A 218 -10.63 -55.20 -36.88
C LEU A 218 -9.84 -54.14 -37.63
N TYR A 219 -9.48 -53.07 -36.94
CA TYR A 219 -8.72 -52.01 -37.54
C TYR A 219 -7.23 -52.36 -37.58
N VAL A 220 -6.72 -52.84 -36.46
CA VAL A 220 -5.30 -53.14 -36.26
C VAL A 220 -4.89 -54.35 -37.10
N GLY A 221 -5.42 -55.49 -36.66
CA GLY A 221 -5.34 -56.80 -37.32
C GLY A 221 -4.04 -57.39 -37.87
N GLY A 222 -3.11 -57.68 -36.99
CA GLY A 222 -1.82 -58.15 -37.47
C GLY A 222 -0.84 -57.03 -37.17
N GLU A 223 -1.17 -55.78 -37.52
CA GLU A 223 -0.35 -54.61 -37.11
C GLU A 223 -0.03 -54.48 -35.60
N ASP A 224 0.91 -53.60 -35.24
CA ASP A 224 1.23 -53.42 -33.84
C ASP A 224 0.36 -52.31 -33.22
N ARG A 225 -0.12 -52.55 -31.99
CA ARG A 225 -1.08 -51.65 -31.39
C ARG A 225 -0.45 -50.33 -31.02
N LYS A 226 0.89 -50.25 -31.05
CA LYS A 226 1.63 -49.05 -30.69
C LYS A 226 2.33 -48.41 -31.89
N ASN A 227 1.94 -48.84 -33.07
CA ASN A 227 2.23 -48.07 -34.23
C ASN A 227 1.84 -46.62 -33.96
N PRO A 228 2.78 -45.68 -34.15
CA PRO A 228 2.46 -44.27 -33.93
C PRO A 228 1.21 -43.85 -34.69
N LEU A 229 0.99 -44.36 -35.89
CA LEU A 229 -0.15 -43.93 -36.75
C LEU A 229 -1.47 -44.60 -36.40
N ILE A 230 -1.41 -45.61 -35.53
CA ILE A 230 -2.57 -46.25 -34.95
C ILE A 230 -2.89 -45.64 -33.56
N SER A 231 -1.91 -45.68 -32.66
CA SER A 231 -2.00 -45.12 -31.30
C SER A 231 -1.06 -43.89 -31.10
N PRO A 232 -1.53 -42.71 -31.58
CA PRO A 232 -0.66 -41.54 -31.62
C PRO A 232 -0.07 -41.18 -30.26
N VAL A 233 -0.67 -41.66 -29.19
CA VAL A 233 -0.06 -41.55 -27.88
C VAL A 233 1.44 -42.01 -27.87
N TYR A 234 1.79 -42.98 -28.70
CA TYR A 234 3.15 -43.49 -28.75
C TYR A 234 3.99 -42.77 -29.81
N ALA A 235 3.47 -41.72 -30.46
CA ALA A 235 4.22 -41.05 -31.56
C ALA A 235 5.36 -40.08 -31.12
N ASP A 236 6.13 -39.63 -32.10
CA ASP A 236 6.92 -38.43 -31.96
C ASP A 236 5.99 -37.34 -32.44
N LEU A 237 5.47 -36.59 -31.49
CA LEU A 237 4.38 -35.69 -31.82
C LEU A 237 4.87 -34.31 -32.14
N SER A 238 6.20 -34.15 -32.20
CA SER A 238 6.85 -32.87 -32.54
C SER A 238 6.27 -32.15 -33.78
N GLY A 239 5.96 -30.88 -33.64
CA GLY A 239 5.72 -30.05 -34.82
C GLY A 239 4.29 -30.07 -35.29
N LEU A 240 3.48 -30.88 -34.60
CA LEU A 240 2.02 -30.77 -34.73
C LEU A 240 1.53 -29.40 -34.28
N PRO A 241 0.45 -28.90 -34.90
CA PRO A 241 -0.23 -27.62 -34.66
C PRO A 241 -1.09 -27.59 -33.40
N GLU A 242 -1.54 -26.42 -32.98
CA GLU A 242 -2.23 -26.36 -31.69
C GLU A 242 -3.47 -27.25 -31.54
N MET A 243 -3.60 -27.84 -30.36
CA MET A 243 -4.62 -28.83 -30.09
C MET A 243 -5.62 -28.30 -29.06
N LEU A 244 -6.92 -28.50 -29.34
CA LEU A 244 -7.98 -28.32 -28.37
C LEU A 244 -8.59 -29.71 -28.26
N ILE A 245 -8.56 -30.29 -27.05
CA ILE A 245 -9.21 -31.55 -26.71
C ILE A 245 -10.42 -31.29 -25.75
N HIS A 246 -11.59 -31.79 -26.09
CA HIS A 246 -12.67 -31.84 -25.10
C HIS A 246 -12.97 -33.27 -24.72
N VAL A 247 -13.47 -33.52 -23.51
CA VAL A 247 -13.82 -34.88 -23.15
C VAL A 247 -14.72 -34.83 -21.91
N GLY A 248 -15.42 -35.93 -21.63
CA GLY A 248 -16.25 -36.04 -20.44
C GLY A 248 -15.60 -36.84 -19.34
N SER A 249 -16.12 -36.67 -18.13
CA SER A 249 -15.76 -37.46 -16.99
C SER A 249 -16.07 -38.94 -17.15
N GLU A 250 -17.21 -39.29 -17.75
CA GLU A 250 -17.67 -40.68 -17.70
C GLU A 250 -17.10 -41.50 -18.86
N GLU A 251 -15.78 -41.48 -18.91
CA GLU A 251 -15.12 -42.00 -20.08
C GLU A 251 -14.00 -43.02 -19.79
N ALA A 252 -14.22 -44.23 -20.27
CA ALA A 252 -13.18 -45.27 -20.23
C ALA A 252 -11.87 -44.73 -20.89
N LEU A 253 -12.00 -43.80 -21.86
CA LEU A 253 -10.92 -43.23 -22.69
C LEU A 253 -10.51 -41.78 -22.23
N LEU A 254 -10.84 -41.46 -21.00
CA LEU A 254 -10.38 -40.22 -20.40
C LEU A 254 -8.87 -40.16 -20.36
N SER A 255 -8.20 -41.28 -20.08
CA SER A 255 -6.74 -41.20 -19.97
C SER A 255 -6.13 -41.03 -21.38
N ASP A 256 -6.92 -41.26 -22.44
CA ASP A 256 -6.45 -40.96 -23.82
C ASP A 256 -6.24 -39.43 -24.01
N SER A 257 -7.23 -38.68 -23.56
CA SER A 257 -7.16 -37.24 -23.55
C SER A 257 -6.07 -36.69 -22.67
N THR A 258 -6.00 -37.08 -21.41
CA THR A 258 -4.99 -36.58 -20.52
C THR A 258 -3.61 -37.05 -21.00
N THR A 259 -3.53 -38.28 -21.50
CA THR A 259 -2.22 -38.80 -21.96
C THR A 259 -1.69 -38.19 -23.23
N LEU A 260 -2.54 -38.06 -24.22
CA LEU A 260 -2.17 -37.26 -25.37
C LEU A 260 -1.76 -35.84 -24.99
N ALA A 261 -2.41 -35.26 -24.00
CA ALA A 261 -2.04 -33.91 -23.56
C ALA A 261 -0.62 -34.00 -22.95
N GLU A 262 -0.39 -34.98 -22.06
CA GLU A 262 0.93 -35.14 -21.50
C GLU A 262 2.01 -35.10 -22.59
N ARG A 263 1.85 -35.98 -23.58
CA ARG A 263 2.87 -36.28 -24.53
C ARG A 263 2.91 -35.22 -25.62
N ALA A 264 1.75 -34.76 -26.01
CA ALA A 264 1.81 -33.70 -27.02
C ALA A 264 2.50 -32.44 -26.38
N GLY A 265 2.20 -32.13 -25.12
CA GLY A 265 2.72 -30.91 -24.50
C GLY A 265 4.23 -31.03 -24.37
N ALA A 266 4.70 -32.24 -24.04
CA ALA A 266 6.14 -32.48 -23.79
C ALA A 266 6.91 -32.49 -25.09
N ALA A 267 6.20 -32.76 -26.19
CA ALA A 267 6.75 -32.68 -27.54
C ALA A 267 6.72 -31.23 -28.04
N GLY A 268 6.25 -30.33 -27.20
CA GLY A 268 6.23 -28.89 -27.57
C GLY A 268 5.05 -28.48 -28.41
N VAL A 269 3.92 -29.20 -28.33
CA VAL A 269 2.68 -28.84 -29.02
C VAL A 269 1.85 -28.00 -28.05
N SER A 270 1.18 -26.95 -28.52
CA SER A 270 0.20 -26.21 -27.66
C SER A 270 -0.97 -27.15 -27.38
N VAL A 271 -1.41 -27.27 -26.13
CA VAL A 271 -2.52 -28.15 -25.87
C VAL A 271 -3.41 -27.53 -24.83
N GLU A 272 -4.69 -27.52 -25.15
CA GLU A 272 -5.69 -27.09 -24.19
C GLU A 272 -6.74 -28.16 -24.08
N LEU A 273 -6.99 -28.59 -22.88
CA LEU A 273 -7.83 -29.70 -22.64
C LEU A 273 -8.86 -29.26 -21.62
N LYS A 274 -10.15 -29.46 -21.94
CA LYS A 274 -11.20 -29.31 -20.97
C LYS A 274 -11.91 -30.66 -20.72
N ILE A 275 -12.18 -30.96 -19.46
CA ILE A 275 -12.88 -32.15 -19.09
C ILE A 275 -14.22 -31.78 -18.51
N TRP A 276 -15.29 -32.40 -19.00
CA TRP A 276 -16.63 -31.97 -18.66
C TRP A 276 -17.38 -32.89 -17.70
N PRO A 277 -17.71 -32.36 -16.50
CA PRO A 277 -18.39 -33.08 -15.42
C PRO A 277 -19.68 -33.82 -15.89
N ASP A 278 -19.82 -35.08 -15.49
CA ASP A 278 -21.06 -35.83 -15.83
C ASP A 278 -21.37 -35.97 -17.34
N MET A 279 -20.40 -35.70 -18.22
CA MET A 279 -20.63 -35.89 -19.68
C MET A 279 -20.09 -37.23 -20.18
N PRO A 280 -20.85 -37.91 -21.04
CA PRO A 280 -20.37 -39.21 -21.55
C PRO A 280 -19.57 -38.99 -22.82
N HIS A 281 -19.14 -40.10 -23.41
CA HIS A 281 -18.34 -40.11 -24.62
C HIS A 281 -18.97 -39.24 -25.68
N VAL A 282 -18.17 -38.41 -26.34
CA VAL A 282 -18.61 -37.49 -27.40
C VAL A 282 -19.98 -36.82 -27.08
N PHE A 283 -20.06 -36.18 -25.93
CA PHE A 283 -21.33 -35.64 -25.47
C PHE A 283 -21.90 -34.57 -26.36
N GLN A 284 -21.06 -33.98 -27.24
CA GLN A 284 -21.46 -32.93 -28.11
C GLN A 284 -22.55 -33.42 -29.09
N MET A 285 -22.77 -34.74 -29.17
CA MET A 285 -23.90 -35.30 -29.91
C MET A 285 -25.29 -35.00 -29.30
N TYR A 286 -25.32 -34.65 -28.02
CA TYR A 286 -26.56 -34.68 -27.27
C TYR A 286 -27.09 -33.31 -26.81
N GLY A 287 -26.77 -32.26 -27.56
CA GLY A 287 -27.34 -30.92 -27.31
C GLY A 287 -28.82 -31.03 -27.05
N LYS A 288 -29.50 -31.89 -27.81
CA LYS A 288 -30.92 -32.05 -27.60
C LYS A 288 -31.31 -32.33 -26.13
N PHE A 289 -30.46 -33.11 -25.43
CA PHE A 289 -30.66 -33.62 -24.05
C PHE A 289 -29.85 -32.93 -22.96
N VAL A 290 -28.55 -32.73 -23.16
CA VAL A 290 -27.81 -32.07 -22.09
C VAL A 290 -27.27 -30.70 -22.54
N ASN A 291 -27.29 -29.76 -21.64
CA ASN A 291 -26.89 -28.37 -21.91
C ASN A 291 -25.39 -28.21 -22.22
N ALA A 292 -24.54 -28.97 -21.51
CA ALA A 292 -23.07 -28.91 -21.74
C ALA A 292 -22.57 -29.17 -23.17
N ALA A 293 -23.37 -29.87 -23.95
CA ALA A 293 -23.06 -30.09 -25.35
C ALA A 293 -23.16 -28.81 -26.15
N ASP A 294 -24.22 -28.02 -25.96
CA ASP A 294 -24.30 -26.74 -26.68
C ASP A 294 -23.15 -25.85 -26.27
N ILE A 295 -22.77 -25.84 -24.99
CA ILE A 295 -21.69 -25.00 -24.49
C ILE A 295 -20.34 -25.45 -25.07
N SER A 296 -20.08 -26.75 -25.13
CA SER A 296 -18.81 -27.22 -25.65
C SER A 296 -18.63 -26.83 -27.16
N ILE A 297 -19.67 -27.05 -27.93
CA ILE A 297 -19.74 -26.62 -29.29
C ILE A 297 -19.47 -25.11 -29.42
N LYS A 298 -20.03 -24.33 -28.52
CA LYS A 298 -19.89 -22.90 -28.58
C LYS A 298 -18.42 -22.56 -28.41
N GLU A 299 -17.79 -23.15 -27.38
CA GLU A 299 -16.39 -22.89 -27.11
C GLU A 299 -15.43 -23.36 -28.21
N ILE A 300 -15.72 -24.56 -28.76
CA ILE A 300 -14.92 -25.13 -29.83
C ILE A 300 -14.92 -24.21 -31.02
N CYS A 301 -16.10 -23.64 -31.29
CA CYS A 301 -16.25 -22.75 -32.45
C CYS A 301 -15.50 -21.45 -32.17
N HIS A 302 -15.62 -20.92 -30.98
CA HIS A 302 -14.86 -19.75 -30.64
C HIS A 302 -13.36 -20.04 -30.88
N TRP A 303 -12.90 -21.19 -30.42
CA TRP A 303 -11.53 -21.57 -30.60
C TRP A 303 -11.23 -21.59 -32.07
N ILE A 304 -12.07 -22.26 -32.82
CA ILE A 304 -11.77 -22.44 -34.19
C ILE A 304 -11.69 -21.08 -34.83
N SER A 305 -12.75 -20.30 -34.66
CA SER A 305 -12.89 -19.12 -35.48
C SER A 305 -11.96 -18.00 -35.02
N ALA A 306 -11.12 -18.28 -34.02
CA ALA A 306 -10.11 -17.33 -33.58
C ALA A 306 -8.65 -17.76 -33.91
N ARG A 307 -8.48 -18.87 -34.66
CA ARG A 307 -7.15 -19.27 -35.17
C ARG A 307 -7.14 -18.90 -36.63
N ILE A 308 -8.30 -18.89 -37.22
CA ILE A 308 -8.46 -18.29 -38.50
C ILE A 308 -8.37 -16.73 -38.31
N SER A 309 -7.12 -16.29 -38.15
CA SER A 309 -6.56 -14.89 -37.81
C SER A 309 -5.63 -14.86 -36.57
N ASP B 13 8.26 -3.56 -27.60
CA ASP B 13 8.66 -4.21 -26.29
C ASP B 13 9.38 -5.58 -26.48
N THR B 14 10.64 -5.65 -26.08
CA THR B 14 11.53 -6.75 -26.48
C THR B 14 11.46 -8.03 -25.64
N LYS B 15 11.50 -9.17 -26.33
CA LYS B 15 11.45 -10.50 -25.72
C LYS B 15 12.57 -11.47 -26.20
N MET B 16 12.89 -12.44 -25.35
CA MET B 16 13.73 -13.52 -25.71
C MET B 16 12.86 -14.49 -26.49
N ASP B 17 13.53 -15.14 -27.41
CA ASP B 17 13.10 -16.41 -27.89
C ASP B 17 13.02 -17.44 -26.79
N PRO B 18 11.80 -17.97 -26.53
CA PRO B 18 11.67 -19.00 -25.51
C PRO B 18 12.89 -19.92 -25.40
N ARG B 19 13.42 -20.45 -26.51
CA ARG B 19 14.56 -21.45 -26.42
C ARG B 19 15.83 -20.80 -25.85
N ASP B 20 16.10 -19.57 -26.24
CA ASP B 20 17.23 -18.85 -25.67
C ASP B 20 17.02 -18.57 -24.18
N PHE B 21 15.80 -18.31 -23.75
CA PHE B 21 15.57 -18.13 -22.34
C PHE B 21 15.78 -19.46 -21.57
N LEU B 22 15.37 -20.62 -22.09
CA LEU B 22 15.77 -21.91 -21.45
C LEU B 22 17.31 -22.04 -21.31
N GLN B 23 18.05 -21.61 -22.33
CA GLN B 23 19.51 -21.60 -22.30
C GLN B 23 20.07 -20.71 -21.21
N LEU B 24 19.39 -19.60 -20.94
CA LEU B 24 19.79 -18.77 -19.84
C LEU B 24 19.53 -19.56 -18.51
N LEU B 25 18.36 -20.21 -18.40
CA LEU B 25 18.00 -20.94 -17.18
C LEU B 25 18.93 -22.10 -16.95
N LYS B 26 19.24 -22.82 -18.02
CA LYS B 26 20.23 -23.87 -18.02
C LYS B 26 21.59 -23.42 -17.45
N ILE B 27 22.05 -22.26 -17.91
CA ILE B 27 23.24 -21.68 -17.34
C ILE B 27 23.07 -21.43 -15.84
N ASN B 28 21.96 -20.81 -15.48
CA ASN B 28 21.73 -20.50 -14.05
C ASN B 28 21.76 -21.76 -13.19
N ALA B 29 21.04 -22.80 -13.58
CA ALA B 29 21.09 -24.09 -12.87
C ALA B 29 22.48 -24.69 -12.79
N GLU B 30 23.23 -24.59 -13.88
CA GLU B 30 24.59 -25.14 -13.93
C GLU B 30 25.52 -24.52 -12.87
N LYS B 31 25.35 -23.23 -12.66
CA LYS B 31 26.26 -22.47 -11.84
C LYS B 31 25.79 -22.34 -10.41
N ALA B 32 24.51 -22.64 -10.14
CA ALA B 32 23.96 -22.79 -8.80
C ALA B 32 24.92 -23.42 -7.77
N GLU B 33 25.07 -22.78 -6.59
CA GLU B 33 25.78 -23.37 -5.44
C GLU B 33 25.00 -24.59 -4.94
N LYS B 34 25.65 -25.75 -4.97
CA LYS B 34 25.00 -27.04 -4.74
C LYS B 34 24.31 -27.23 -3.36
N ASN B 35 24.99 -26.84 -2.28
CA ASN B 35 24.41 -27.09 -0.96
C ASN B 35 24.17 -25.78 -0.27
N LEU B 36 23.33 -24.97 -0.88
CA LEU B 36 23.13 -23.64 -0.38
C LEU B 36 22.37 -23.78 0.90
N PRO B 37 22.92 -23.22 1.97
CA PRO B 37 22.17 -23.16 3.20
C PRO B 37 20.77 -22.54 2.97
N LEU B 38 19.72 -23.21 3.45
CA LEU B 38 18.35 -22.78 3.17
C LEU B 38 18.04 -21.34 3.48
N ASP B 39 18.57 -20.86 4.59
CA ASP B 39 18.45 -19.44 4.89
C ASP B 39 19.15 -18.48 3.89
N GLN B 40 20.21 -18.93 3.23
CA GLN B 40 20.90 -18.11 2.19
C GLN B 40 20.12 -18.19 0.88
N LYS B 41 19.64 -19.38 0.59
CA LYS B 41 18.79 -19.62 -0.55
C LYS B 41 17.55 -18.74 -0.49
N ARG B 42 16.99 -18.51 0.70
CA ARG B 42 15.79 -17.66 0.86
C ARG B 42 16.06 -16.19 0.64
N ALA B 43 17.12 -15.66 1.27
CA ALA B 43 17.63 -14.26 1.03
C ALA B 43 18.03 -13.99 -0.42
N GLY B 44 18.74 -14.91 -1.04
CA GLY B 44 18.99 -14.89 -2.50
C GLY B 44 17.71 -14.64 -3.33
N MET B 45 16.63 -15.40 -3.09
CA MET B 45 15.36 -15.12 -3.75
C MET B 45 14.84 -13.75 -3.41
N GLU B 46 14.81 -13.39 -2.14
CA GLU B 46 14.27 -12.08 -1.82
C GLU B 46 15.02 -10.98 -2.60
N ALA B 47 16.32 -11.19 -2.82
CA ALA B 47 17.19 -10.14 -3.34
C ALA B 47 17.05 -9.98 -4.84
N LEU B 48 17.04 -11.10 -5.57
CA LEU B 48 16.80 -11.18 -7.00
C LEU B 48 15.36 -10.74 -7.42
N CYS B 49 14.37 -11.32 -6.77
CA CYS B 49 12.94 -11.13 -7.06
C CYS B 49 12.50 -9.70 -6.78
N GLU B 50 13.26 -8.99 -5.96
CA GLU B 50 13.11 -7.53 -5.81
C GLU B 50 13.43 -6.74 -7.10
N ARG B 51 14.32 -7.25 -7.95
CA ARG B 51 14.69 -6.46 -9.13
C ARG B 51 13.77 -6.76 -10.34
N PHE B 52 12.87 -7.72 -10.18
CA PHE B 52 11.75 -7.95 -11.12
C PHE B 52 10.69 -6.82 -10.97
N PRO B 53 10.07 -6.35 -12.09
CA PRO B 53 9.17 -5.18 -12.07
C PRO B 53 7.74 -5.40 -11.54
N ARG B 54 7.35 -4.64 -10.52
CA ARG B 54 5.98 -4.76 -9.99
C ARG B 54 5.00 -4.05 -10.88
N ALA B 55 3.78 -4.56 -10.96
CA ALA B 55 2.75 -3.93 -11.75
C ALA B 55 2.46 -2.54 -11.21
N GLU B 56 2.60 -1.55 -12.07
CA GLU B 56 2.29 -0.18 -11.68
C GLU B 56 0.91 -0.02 -11.17
N GLY B 57 0.80 0.76 -10.11
CA GLY B 57 -0.51 1.22 -9.64
C GLY B 57 -1.10 0.28 -8.61
N VAL B 58 -0.46 -0.87 -8.41
CA VAL B 58 -0.95 -1.84 -7.48
C VAL B 58 -0.33 -1.63 -6.08
N GLU B 59 -1.21 -1.31 -5.14
CA GLU B 59 -0.75 -0.89 -3.84
C GLU B 59 -0.60 -2.10 -2.99
N LEU B 60 0.29 -2.03 -2.03
CA LEU B 60 0.62 -3.20 -1.26
C LEU B 60 0.46 -2.90 0.23
N THR B 61 -0.44 -3.61 0.87
CA THR B 61 -0.79 -3.35 2.23
C THR B 61 -0.36 -4.56 3.04
N LEU B 62 0.34 -4.29 4.13
CA LEU B 62 0.94 -5.34 4.93
C LEU B 62 -0.13 -5.63 5.97
N THR B 63 -0.53 -6.90 6.13
CA THR B 63 -1.74 -7.25 6.90
C THR B 63 -1.83 -8.72 7.28
N ASP B 64 -3.04 -9.21 7.58
CA ASP B 64 -3.21 -10.59 8.03
C ASP B 64 -4.56 -11.19 7.61
N LEU B 65 -4.59 -12.54 7.57
CA LEU B 65 -5.82 -13.31 7.45
C LEU B 65 -5.81 -14.47 8.46
N GLY B 66 -6.87 -14.51 9.27
CA GLY B 66 -6.94 -15.29 10.50
C GLY B 66 -5.65 -15.23 11.28
N GLY B 67 -5.01 -14.05 11.24
CA GLY B 67 -3.73 -13.87 11.92
C GLY B 67 -2.51 -14.54 11.28
N VAL B 68 -2.66 -15.08 10.07
CA VAL B 68 -1.51 -15.43 9.23
C VAL B 68 -1.20 -14.18 8.41
N PRO B 69 0.07 -13.72 8.40
CA PRO B 69 0.40 -12.52 7.58
C PRO B 69 0.22 -12.67 6.04
N CYS B 70 -0.14 -11.57 5.39
CA CYS B 70 -0.24 -11.55 3.97
C CYS B 70 -0.04 -10.16 3.45
N ILE B 71 0.35 -10.04 2.19
CA ILE B 71 0.39 -8.77 1.50
C ILE B 71 -0.79 -8.69 0.56
N ARG B 72 -1.57 -7.63 0.73
CA ARG B 72 -2.79 -7.41 0.03
C ARG B 72 -2.54 -6.43 -1.11
N GLN B 73 -3.10 -6.69 -2.30
CA GLN B 73 -2.63 -5.98 -3.47
C GLN B 73 -3.85 -5.56 -4.28
N ALA B 74 -3.93 -4.26 -4.64
CA ALA B 74 -5.01 -3.73 -5.46
C ALA B 74 -4.70 -2.37 -6.11
N THR B 75 -5.27 -2.12 -7.28
CA THR B 75 -5.43 -0.77 -7.80
C THR B 75 -6.60 -0.04 -7.11
N ASP B 76 -6.82 1.19 -7.53
CA ASP B 76 -7.84 2.09 -7.06
C ASP B 76 -9.08 1.86 -7.86
N GLY B 77 -9.39 0.62 -8.20
CA GLY B 77 -10.54 0.43 -9.05
C GLY B 77 -11.06 -0.97 -8.91
N ALA B 78 -10.39 -1.71 -8.05
CA ALA B 78 -10.78 -3.06 -7.82
C ALA B 78 -12.26 -3.14 -7.50
N GLY B 79 -12.93 -4.05 -8.19
CA GLY B 79 -14.31 -4.44 -7.89
C GLY B 79 -14.36 -5.22 -6.58
N ALA B 80 -15.32 -6.13 -6.47
CA ALA B 80 -15.48 -6.86 -5.21
C ALA B 80 -14.90 -8.25 -5.31
N ALA B 81 -14.14 -8.49 -6.37
CA ALA B 81 -13.44 -9.76 -6.54
C ALA B 81 -12.27 -9.93 -5.57
N HIS B 82 -12.02 -11.18 -5.16
CA HIS B 82 -10.95 -11.52 -4.24
C HIS B 82 -10.15 -12.78 -4.68
N ILE B 83 -8.82 -12.74 -4.48
CA ILE B 83 -7.97 -13.89 -4.80
C ILE B 83 -7.17 -14.30 -3.57
N LEU B 84 -7.23 -15.56 -3.15
CA LEU B 84 -6.40 -15.97 -2.06
C LEU B 84 -5.23 -16.64 -2.73
N TYR B 85 -4.04 -16.11 -2.55
CA TYR B 85 -2.90 -16.52 -3.35
C TYR B 85 -1.82 -17.17 -2.49
N PHE B 86 -1.38 -18.35 -2.91
CA PHE B 86 -0.34 -19.08 -2.25
C PHE B 86 0.91 -19.30 -3.16
N HIS B 87 1.90 -18.43 -2.99
CA HIS B 87 3.22 -18.53 -3.65
C HIS B 87 3.79 -19.95 -3.51
N GLY B 88 4.77 -20.29 -4.35
CA GLY B 88 5.40 -21.60 -4.31
C GLY B 88 6.86 -21.55 -3.88
N GLY B 89 7.59 -22.58 -4.21
CA GLY B 89 8.94 -22.66 -3.70
C GLY B 89 9.09 -23.86 -2.77
N GLY B 90 8.38 -24.93 -3.11
CA GLY B 90 8.67 -26.31 -2.63
C GLY B 90 8.33 -26.55 -1.18
N TYR B 91 7.58 -25.61 -0.56
CA TYR B 91 7.17 -25.65 0.86
C TYR B 91 8.31 -25.24 1.83
N ILE B 92 9.52 -25.03 1.30
CA ILE B 92 10.66 -24.74 2.14
C ILE B 92 11.20 -23.34 1.95
N SER B 93 10.67 -22.63 0.97
CA SER B 93 11.13 -21.29 0.61
C SER B 93 10.01 -20.50 -0.13
N GLY B 94 10.34 -19.29 -0.58
CA GLY B 94 9.41 -18.36 -1.18
C GLY B 94 8.69 -17.66 -0.08
N SER B 95 8.10 -16.52 -0.43
CA SER B 95 7.31 -15.70 0.46
C SER B 95 6.42 -14.89 -0.51
N PRO B 96 5.45 -14.07 0.01
CA PRO B 96 4.72 -13.09 -0.88
C PRO B 96 5.60 -12.09 -1.65
N SER B 97 6.74 -11.72 -1.05
CA SER B 97 7.58 -10.68 -1.63
C SER B 97 8.19 -11.19 -2.87
N THR B 98 8.65 -12.43 -2.85
CA THR B 98 9.31 -12.97 -4.05
C THR B 98 8.31 -12.99 -5.21
N HIS B 99 7.05 -13.25 -4.90
CA HIS B 99 6.09 -13.50 -5.98
C HIS B 99 5.25 -12.30 -6.37
N LEU B 100 5.65 -11.09 -5.91
CA LEU B 100 4.99 -9.83 -6.37
C LEU B 100 4.95 -9.54 -7.86
N VAL B 101 6.04 -9.86 -8.54
CA VAL B 101 6.12 -9.89 -10.01
C VAL B 101 4.81 -10.40 -10.64
N LEU B 102 4.31 -11.50 -10.09
CA LEU B 102 3.23 -12.26 -10.63
C LEU B 102 1.94 -11.81 -9.95
N THR B 103 1.95 -11.78 -8.62
CA THR B 103 0.68 -11.56 -7.95
C THR B 103 0.18 -10.14 -8.21
N THR B 104 1.07 -9.18 -8.47
CA THR B 104 0.56 -7.81 -8.76
C THR B 104 -0.05 -7.64 -10.14
N GLN B 105 0.43 -8.42 -11.10
CA GLN B 105 -0.15 -8.47 -12.44
C GLN B 105 -1.54 -9.16 -12.39
N LEU B 106 -1.67 -10.23 -11.59
CA LEU B 106 -2.97 -10.89 -11.46
C LEU B 106 -3.99 -9.95 -10.81
N ALA B 107 -3.57 -9.26 -9.74
CA ALA B 107 -4.41 -8.23 -9.12
C ALA B 107 -4.83 -7.18 -10.13
N LYS B 108 -3.86 -6.51 -10.77
CA LYS B 108 -4.19 -5.43 -11.64
C LYS B 108 -5.10 -5.88 -12.76
N GLN B 109 -4.73 -6.97 -13.41
CA GLN B 109 -5.51 -7.40 -14.55
C GLN B 109 -6.92 -7.98 -14.26
N SER B 110 -7.12 -8.58 -13.09
CA SER B 110 -8.46 -8.97 -12.66
C SER B 110 -9.40 -7.86 -12.17
N SER B 111 -8.87 -6.71 -11.78
CA SER B 111 -9.58 -5.82 -10.83
C SER B 111 -10.05 -6.60 -9.60
N ALA B 112 -9.15 -7.36 -9.01
CA ALA B 112 -9.47 -8.01 -7.77
C ALA B 112 -8.47 -7.55 -6.72
N THR B 113 -8.84 -7.82 -5.46
CA THR B 113 -7.97 -7.58 -4.37
C THR B 113 -7.29 -8.90 -4.16
N LEU B 114 -5.99 -8.98 -4.45
CA LEU B 114 -5.32 -10.26 -4.14
C LEU B 114 -4.72 -10.31 -2.73
N TRP B 115 -4.83 -11.43 -2.03
CA TRP B 115 -4.26 -11.57 -0.70
C TRP B 115 -3.20 -12.64 -0.75
N SER B 116 -1.95 -12.26 -0.70
CA SER B 116 -0.91 -13.23 -0.89
C SER B 116 -0.42 -13.72 0.47
N LEU B 117 -0.61 -15.00 0.75
CA LEU B 117 -0.40 -15.51 2.10
C LEU B 117 1.00 -15.95 2.44
N ASP B 118 1.46 -15.59 3.63
CA ASP B 118 2.75 -15.98 4.08
C ASP B 118 2.50 -17.15 5.04
N TYR B 119 2.31 -18.34 4.49
CA TYR B 119 2.03 -19.52 5.30
C TYR B 119 3.30 -20.01 5.97
N ARG B 120 3.19 -20.62 7.15
CA ARG B 120 4.40 -21.16 7.80
C ARG B 120 5.09 -22.08 6.78
N LEU B 121 6.43 -22.06 6.78
CA LEU B 121 7.24 -22.94 5.93
C LEU B 121 7.94 -24.01 6.70
N ALA B 122 8.33 -25.05 5.98
CA ALA B 122 9.16 -26.12 6.43
C ALA B 122 10.59 -25.70 6.22
N PRO B 123 11.56 -26.34 6.92
CA PRO B 123 11.47 -27.48 7.86
C PRO B 123 11.05 -27.08 9.27
N GLU B 124 10.91 -25.78 9.53
CA GLU B 124 10.63 -25.32 10.87
C GLU B 124 9.18 -25.46 11.28
N ASN B 125 8.34 -25.71 10.29
CA ASN B 125 6.92 -25.91 10.47
C ASN B 125 6.47 -26.83 9.36
N PRO B 126 6.57 -28.15 9.59
CA PRO B 126 6.24 -29.21 8.65
C PRO B 126 4.73 -29.31 8.38
N PHE B 127 4.36 -30.19 7.45
CA PHE B 127 2.94 -30.44 7.25
C PHE B 127 2.43 -30.92 8.60
N PRO B 128 1.25 -30.42 9.03
CA PRO B 128 0.27 -29.64 8.27
C PRO B 128 0.26 -28.14 8.47
N ALA B 129 1.37 -27.55 8.85
CA ALA B 129 1.35 -26.13 9.17
C ALA B 129 0.80 -25.21 8.04
N ALA B 130 1.32 -25.40 6.84
CA ALA B 130 0.99 -24.51 5.74
C ALA B 130 -0.49 -24.68 5.34
N VAL B 131 -0.91 -25.95 5.29
CA VAL B 131 -2.30 -26.28 4.96
C VAL B 131 -3.22 -25.64 5.99
N ASP B 132 -2.78 -25.65 7.26
CA ASP B 132 -3.61 -25.08 8.33
C ASP B 132 -3.74 -23.58 8.22
N ASP B 133 -2.64 -22.91 7.83
CA ASP B 133 -2.66 -21.45 7.67
C ASP B 133 -3.57 -21.10 6.51
N CYS B 134 -3.43 -21.84 5.42
CA CYS B 134 -4.30 -21.63 4.25
C CYS B 134 -5.77 -21.73 4.64
N VAL B 135 -6.16 -22.78 5.37
CA VAL B 135 -7.61 -22.90 5.67
C VAL B 135 -8.02 -21.80 6.62
N ALA B 136 -7.20 -21.57 7.65
CA ALA B 136 -7.40 -20.43 8.56
C ALA B 136 -7.59 -19.12 7.80
N ALA B 137 -6.79 -18.88 6.75
CA ALA B 137 -6.90 -17.61 5.97
C ALA B 137 -8.17 -17.46 5.15
N TYR B 138 -8.55 -18.53 4.45
CA TYR B 138 -9.84 -18.61 3.73
C TYR B 138 -11.02 -18.34 4.66
N ARG B 139 -10.99 -18.93 5.86
CA ARG B 139 -12.06 -18.73 6.86
C ARG B 139 -12.31 -17.23 7.04
N ALA B 140 -11.22 -16.53 7.38
CA ALA B 140 -11.22 -15.09 7.53
C ALA B 140 -11.62 -14.32 6.28
N LEU B 141 -11.16 -14.77 5.10
CA LEU B 141 -11.50 -14.02 3.89
C LEU B 141 -13.00 -14.07 3.59
N LEU B 142 -13.66 -15.17 3.92
CA LEU B 142 -15.11 -15.24 3.72
C LEU B 142 -15.80 -14.15 4.49
N LYS B 143 -15.37 -13.98 5.75
CA LYS B 143 -15.91 -12.90 6.57
C LYS B 143 -15.71 -11.60 5.82
N THR B 144 -14.48 -11.28 5.40
CA THR B 144 -14.21 -9.98 4.76
C THR B 144 -14.90 -9.80 3.42
N ALA B 145 -14.93 -10.87 2.63
CA ALA B 145 -15.53 -10.76 1.31
C ALA B 145 -17.07 -10.80 1.30
N GLY B 146 -17.67 -11.54 2.25
CA GLY B 146 -19.14 -11.70 2.32
C GLY B 146 -19.69 -12.97 1.68
N SER B 147 -19.11 -13.39 0.55
CA SER B 147 -19.53 -14.64 -0.10
C SER B 147 -18.38 -15.45 -0.68
N ALA B 148 -18.50 -16.78 -0.60
CA ALA B 148 -17.56 -17.66 -1.30
C ALA B 148 -17.49 -17.39 -2.80
N ASP B 149 -18.56 -16.85 -3.39
CA ASP B 149 -18.71 -16.73 -4.85
C ASP B 149 -17.87 -15.63 -5.40
N ARG B 150 -17.15 -14.97 -4.52
CA ARG B 150 -16.44 -13.78 -4.93
C ARG B 150 -14.96 -14.04 -4.68
N ILE B 151 -14.62 -15.30 -4.37
CA ILE B 151 -13.25 -15.71 -4.06
C ILE B 151 -12.77 -16.76 -5.05
N ILE B 152 -11.59 -16.52 -5.60
CA ILE B 152 -10.84 -17.49 -6.33
C ILE B 152 -9.65 -17.80 -5.42
N ILE B 153 -9.35 -19.09 -5.21
CA ILE B 153 -8.09 -19.54 -4.66
C ILE B 153 -7.10 -19.74 -5.84
N ALA B 154 -5.84 -19.29 -5.69
CA ALA B 154 -4.81 -19.37 -6.73
C ALA B 154 -3.34 -19.55 -6.20
N GLY B 155 -2.53 -20.33 -6.92
CA GLY B 155 -1.15 -20.60 -6.48
C GLY B 155 -0.28 -21.22 -7.54
N ASP B 156 1.04 -21.13 -7.33
CA ASP B 156 2.00 -21.73 -8.22
C ASP B 156 2.80 -22.76 -7.48
N SER B 157 3.18 -23.84 -8.14
CA SER B 157 4.10 -24.78 -7.57
C SER B 157 3.49 -25.32 -6.25
N ALA B 158 4.22 -25.30 -5.14
CA ALA B 158 3.75 -25.84 -3.83
C ALA B 158 2.46 -25.19 -3.49
N GLY B 159 2.39 -23.88 -3.86
CA GLY B 159 1.18 -23.10 -3.57
C GLY B 159 0.00 -23.60 -4.40
N GLY B 160 0.27 -24.11 -5.62
CA GLY B 160 -0.75 -24.70 -6.53
C GLY B 160 -1.34 -25.95 -5.87
N GLY B 161 -0.45 -26.75 -5.26
CA GLY B 161 -0.79 -27.85 -4.36
C GLY B 161 -1.60 -27.39 -3.14
N LEU B 162 -1.11 -26.38 -2.45
CA LEU B 162 -1.87 -25.84 -1.35
C LEU B 162 -3.22 -25.45 -1.82
N THR B 163 -3.36 -24.94 -3.05
CA THR B 163 -4.70 -24.43 -3.47
C THR B 163 -5.78 -25.51 -3.51
N THR B 164 -5.45 -26.73 -3.97
CA THR B 164 -6.32 -27.87 -3.86
C THR B 164 -6.42 -28.36 -2.42
N ALA B 165 -5.28 -28.57 -1.76
CA ALA B 165 -5.26 -29.25 -0.44
C ALA B 165 -6.00 -28.49 0.64
N SER B 166 -5.76 -27.21 0.71
CA SER B 166 -6.51 -26.37 1.63
C SER B 166 -8.01 -26.48 1.37
N MET B 167 -8.39 -26.58 0.09
CA MET B 167 -9.81 -26.69 -0.24
C MET B 167 -10.41 -28.09 0.07
N LEU B 168 -9.62 -29.15 -0.07
CA LEU B 168 -10.03 -30.43 0.44
C LEU B 168 -10.25 -30.37 1.96
N LYS B 169 -9.32 -29.79 2.72
CA LYS B 169 -9.52 -29.63 4.17
C LYS B 169 -10.72 -28.75 4.52
N ALA B 170 -10.80 -27.54 3.97
CA ALA B 170 -11.95 -26.67 4.26
C ALA B 170 -13.29 -27.34 4.02
N LYS B 171 -13.47 -27.99 2.87
CA LYS B 171 -14.70 -28.74 2.58
C LYS B 171 -15.01 -29.76 3.70
N GLU B 172 -14.02 -30.55 4.12
CA GLU B 172 -14.18 -31.47 5.26
C GLU B 172 -14.53 -30.77 6.56
N ASP B 173 -14.11 -29.50 6.68
CA ASP B 173 -14.43 -28.67 7.84
C ASP B 173 -15.73 -27.95 7.58
N GLY B 174 -16.43 -28.37 6.53
CA GLY B 174 -17.72 -27.79 6.24
C GLY B 174 -17.83 -26.36 5.75
N LEU B 175 -16.74 -25.78 5.24
CA LEU B 175 -16.82 -24.40 4.73
C LEU B 175 -17.34 -24.34 3.31
N PRO B 176 -18.02 -23.26 2.91
CA PRO B 176 -18.51 -23.22 1.52
C PRO B 176 -17.35 -23.12 0.49
N MET B 177 -17.37 -23.94 -0.58
CA MET B 177 -16.33 -23.91 -1.65
C MET B 177 -16.35 -22.58 -2.36
N PRO B 178 -15.18 -22.09 -2.84
CA PRO B 178 -15.14 -20.81 -3.55
C PRO B 178 -15.44 -21.00 -5.02
N ALA B 179 -15.30 -19.90 -5.79
CA ALA B 179 -15.76 -19.80 -7.15
C ALA B 179 -14.93 -20.63 -8.11
N GLY B 180 -13.64 -20.79 -7.81
CA GLY B 180 -12.73 -21.55 -8.66
C GLY B 180 -11.33 -21.60 -8.09
N LEU B 181 -10.52 -22.52 -8.66
CA LEU B 181 -9.11 -22.76 -8.30
C LEU B 181 -8.18 -22.59 -9.52
N VAL B 182 -7.14 -21.78 -9.34
CA VAL B 182 -6.16 -21.56 -10.39
C VAL B 182 -4.83 -22.11 -9.93
N MET B 183 -4.29 -23.05 -10.70
CA MET B 183 -3.00 -23.59 -10.40
C MET B 183 -2.01 -23.32 -11.55
N LEU B 184 -0.82 -22.82 -11.19
CA LEU B 184 0.27 -22.62 -12.16
C LEU B 184 1.32 -23.70 -11.84
N SER B 185 1.57 -24.64 -12.78
CA SER B 185 2.54 -25.73 -12.57
C SER B 185 2.35 -26.32 -11.16
N PRO B 186 1.12 -26.81 -10.84
CA PRO B 186 0.92 -27.37 -9.46
C PRO B 186 1.86 -28.48 -9.07
N PHE B 187 2.27 -28.50 -7.80
CA PHE B 187 3.11 -29.61 -7.30
C PHE B 187 2.24 -30.45 -6.36
N VAL B 188 1.74 -31.59 -6.85
CA VAL B 188 0.66 -32.30 -6.20
C VAL B 188 0.88 -33.84 -5.98
N ASP B 189 2.06 -34.34 -6.32
CA ASP B 189 2.41 -35.73 -6.09
C ASP B 189 3.83 -35.76 -5.63
N LEU B 190 4.02 -35.95 -4.31
CA LEU B 190 5.36 -35.88 -3.76
C LEU B 190 6.06 -37.29 -3.76
N THR B 191 5.44 -38.27 -4.46
CA THR B 191 6.12 -39.53 -4.71
C THR B 191 7.14 -39.34 -5.81
N LEU B 192 6.95 -38.28 -6.58
CA LEU B 192 7.91 -37.90 -7.64
C LEU B 192 8.25 -39.07 -8.54
N SER B 193 7.21 -39.65 -9.14
CA SER B 193 7.30 -40.99 -9.73
C SER B 193 6.61 -41.17 -11.09
N ARG B 194 6.05 -40.09 -11.63
CA ARG B 194 5.25 -40.24 -12.87
C ARG B 194 6.12 -40.05 -14.11
N TRP B 195 5.50 -40.00 -15.27
CA TRP B 195 6.25 -40.09 -16.52
C TRP B 195 7.22 -38.90 -16.65
N SER B 196 6.76 -37.71 -16.27
CA SER B 196 7.53 -36.51 -16.55
C SER B 196 8.75 -36.41 -15.65
N ASN B 197 8.65 -36.91 -14.44
CA ASN B 197 9.76 -36.88 -13.51
C ASN B 197 10.99 -37.62 -14.06
N SER B 198 10.82 -38.75 -14.74
CA SER B 198 11.97 -39.38 -15.40
C SER B 198 12.27 -38.69 -16.74
N ASN B 199 11.24 -38.41 -17.53
CA ASN B 199 11.46 -38.11 -18.94
C ASN B 199 11.74 -36.64 -19.26
N LEU B 200 11.44 -35.73 -18.33
CA LEU B 200 11.70 -34.33 -18.57
C LEU B 200 12.66 -33.69 -17.57
N ALA B 201 13.12 -34.44 -16.56
CA ALA B 201 14.13 -33.96 -15.60
C ALA B 201 15.22 -33.09 -16.22
N ASP B 202 15.82 -33.56 -17.30
CA ASP B 202 16.92 -32.95 -18.01
C ASP B 202 16.52 -31.65 -18.69
N ARG B 203 15.25 -31.32 -18.67
CA ARG B 203 14.75 -30.21 -19.35
C ARG B 203 14.30 -29.14 -18.37
N ASP B 204 14.16 -29.55 -17.11
CA ASP B 204 13.74 -28.66 -16.03
C ASP B 204 14.91 -28.06 -15.19
N PHE B 205 15.18 -26.77 -15.40
CA PHE B 205 16.30 -26.05 -14.79
C PHE B 205 15.85 -25.24 -13.57
N LEU B 206 14.56 -25.31 -13.28
CA LEU B 206 14.04 -24.56 -12.15
C LEU B 206 13.56 -25.41 -11.01
N ALA B 207 13.04 -26.61 -11.31
CA ALA B 207 12.24 -27.36 -10.32
C ALA B 207 13.08 -28.00 -9.26
N GLU B 208 14.37 -28.21 -9.58
CA GLU B 208 15.32 -28.92 -8.71
C GLU B 208 14.99 -30.44 -8.72
N PRO B 209 14.82 -31.01 -9.91
CA PRO B 209 14.42 -32.41 -9.83
C PRO B 209 15.31 -33.27 -8.91
N ASP B 210 16.61 -33.10 -8.99
CA ASP B 210 17.54 -33.98 -8.28
C ASP B 210 17.58 -34.03 -6.73
N THR B 211 16.75 -33.21 -6.11
CA THR B 211 16.77 -32.84 -4.74
C THR B 211 15.36 -32.74 -4.24
N LEU B 212 14.41 -32.71 -5.15
CA LEU B 212 13.04 -32.49 -4.84
C LEU B 212 12.68 -33.49 -3.80
N GLY B 213 13.37 -34.62 -3.83
CA GLY B 213 13.19 -35.59 -2.80
C GLY B 213 13.28 -34.97 -1.41
N GLU B 214 14.43 -34.42 -1.09
CA GLU B 214 14.63 -33.83 0.22
C GLU B 214 14.03 -32.43 0.29
N MET B 215 13.69 -31.83 -0.82
CA MET B 215 12.90 -30.62 -0.80
C MET B 215 11.67 -31.06 -0.07
N SER B 216 10.99 -32.01 -0.62
CA SER B 216 9.78 -32.44 -0.04
C SER B 216 9.94 -33.00 1.36
N GLU B 217 10.98 -33.78 1.59
CA GLU B 217 11.13 -34.48 2.86
C GLU B 217 11.12 -33.55 4.01
N LEU B 218 11.60 -32.35 3.81
CA LEU B 218 11.49 -31.36 4.87
C LEU B 218 10.07 -31.00 5.27
N TYR B 219 9.12 -31.12 4.34
CA TYR B 219 7.77 -30.61 4.60
C TYR B 219 6.92 -31.80 5.00
N VAL B 220 7.20 -32.93 4.39
CA VAL B 220 6.58 -34.20 4.71
C VAL B 220 6.82 -34.61 6.22
N GLY B 221 8.09 -34.49 6.67
CA GLY B 221 8.45 -34.90 8.03
C GLY B 221 8.22 -36.40 8.14
N GLY B 222 7.53 -36.78 9.19
CA GLY B 222 7.13 -38.14 9.36
C GLY B 222 6.03 -38.63 8.44
N GLU B 223 5.26 -37.76 7.79
CA GLU B 223 4.01 -38.22 7.12
C GLU B 223 4.14 -39.14 5.88
N ASP B 224 3.00 -39.65 5.39
CA ASP B 224 2.94 -40.46 4.19
C ASP B 224 2.83 -39.52 2.98
N ARG B 225 3.70 -39.75 2.00
CA ARG B 225 3.76 -38.87 0.86
C ARG B 225 2.48 -38.93 0.05
N LYS B 226 1.77 -40.04 0.17
CA LYS B 226 0.50 -40.15 -0.49
C LYS B 226 -0.61 -39.63 0.39
N ASN B 227 -0.27 -38.99 1.52
CA ASN B 227 -1.32 -38.38 2.34
C ASN B 227 -2.08 -37.46 1.38
N PRO B 228 -3.41 -37.61 1.27
CA PRO B 228 -4.15 -36.77 0.27
C PRO B 228 -4.01 -35.26 0.44
N LEU B 229 -3.64 -34.79 1.63
CA LEU B 229 -3.48 -33.35 1.88
C LEU B 229 -2.06 -32.88 1.57
N ILE B 230 -1.16 -33.85 1.38
CA ILE B 230 0.21 -33.62 0.94
C ILE B 230 0.30 -33.73 -0.59
N SER B 231 -0.34 -34.76 -1.15
CA SER B 231 -0.34 -35.06 -2.56
C SER B 231 -1.78 -35.25 -3.09
N PRO B 232 -2.46 -34.16 -3.44
CA PRO B 232 -3.91 -34.15 -3.77
C PRO B 232 -4.33 -34.99 -4.96
N VAL B 233 -3.36 -35.47 -5.68
CA VAL B 233 -3.57 -36.41 -6.72
C VAL B 233 -4.17 -37.74 -6.18
N TYR B 234 -3.91 -38.07 -4.91
CA TYR B 234 -4.37 -39.32 -4.25
C TYR B 234 -5.64 -39.07 -3.48
N ALA B 235 -6.12 -37.83 -3.51
CA ALA B 235 -7.29 -37.48 -2.72
C ALA B 235 -8.60 -37.91 -3.39
N ASP B 236 -9.71 -37.54 -2.72
CA ASP B 236 -11.03 -37.66 -3.22
C ASP B 236 -11.40 -36.22 -3.51
N LEU B 237 -11.33 -35.86 -4.79
CA LEU B 237 -11.48 -34.49 -5.23
C LEU B 237 -12.91 -34.17 -5.49
N SER B 238 -13.79 -35.14 -5.38
CA SER B 238 -15.19 -34.80 -5.67
C SER B 238 -15.65 -33.59 -4.82
N GLY B 239 -16.51 -32.77 -5.40
CA GLY B 239 -17.12 -31.62 -4.70
C GLY B 239 -16.33 -30.32 -4.80
N LEU B 240 -15.12 -30.42 -5.31
CA LEU B 240 -14.24 -29.26 -5.45
C LEU B 240 -14.76 -28.36 -6.53
N PRO B 241 -14.44 -27.05 -6.46
CA PRO B 241 -14.89 -26.16 -7.51
C PRO B 241 -14.08 -26.19 -8.85
N GLU B 242 -14.58 -25.49 -9.88
CA GLU B 242 -13.89 -25.42 -11.20
C GLU B 242 -12.39 -25.17 -11.07
N MET B 243 -11.59 -25.92 -11.82
CA MET B 243 -10.13 -25.75 -11.86
C MET B 243 -9.64 -25.22 -13.23
N LEU B 244 -8.58 -24.38 -13.17
CA LEU B 244 -7.80 -23.97 -14.34
C LEU B 244 -6.35 -24.28 -14.03
N ILE B 245 -5.68 -25.02 -14.94
CA ILE B 245 -4.27 -25.35 -14.73
C ILE B 245 -3.43 -24.92 -15.95
N HIS B 246 -2.36 -24.18 -15.72
CA HIS B 246 -1.42 -23.79 -16.77
C HIS B 246 -0.12 -24.44 -16.31
N VAL B 247 0.59 -25.12 -17.23
CA VAL B 247 1.85 -25.75 -16.91
C VAL B 247 2.71 -25.54 -18.19
N GLY B 248 4.02 -25.40 -18.05
CA GLY B 248 4.88 -25.24 -19.22
C GLY B 248 5.20 -26.64 -19.72
N SER B 249 5.70 -26.76 -20.96
CA SER B 249 6.25 -28.03 -21.47
C SER B 249 7.51 -28.51 -20.73
N GLU B 250 8.31 -27.61 -20.17
CA GLU B 250 9.69 -27.92 -19.84
C GLU B 250 9.79 -28.25 -18.36
N GLU B 251 8.95 -29.19 -17.94
CA GLU B 251 8.66 -29.35 -16.53
C GLU B 251 8.74 -30.80 -16.13
N ALA B 252 9.65 -31.08 -15.20
CA ALA B 252 9.65 -32.32 -14.44
C ALA B 252 8.27 -32.64 -13.81
N LEU B 253 7.51 -31.58 -13.50
CA LEU B 253 6.19 -31.68 -12.86
C LEU B 253 4.97 -31.68 -13.83
N LEU B 254 5.23 -31.97 -15.10
CA LEU B 254 4.15 -31.82 -16.13
C LEU B 254 3.11 -32.85 -15.77
N SER B 255 3.56 -34.07 -15.45
CA SER B 255 2.59 -35.13 -15.11
C SER B 255 1.84 -34.87 -13.83
N ASP B 256 2.27 -33.91 -13.02
CA ASP B 256 1.46 -33.62 -11.83
C ASP B 256 0.13 -32.96 -12.31
N SER B 257 0.23 -32.16 -13.37
CA SER B 257 -0.90 -31.40 -13.88
C SER B 257 -1.77 -32.29 -14.75
N THR B 258 -1.18 -33.18 -15.55
CA THR B 258 -2.03 -34.00 -16.34
C THR B 258 -2.73 -35.06 -15.50
N THR B 259 -2.01 -35.63 -14.50
CA THR B 259 -2.62 -36.42 -13.42
C THR B 259 -3.70 -35.70 -12.56
N LEU B 260 -3.41 -34.51 -12.01
CA LEU B 260 -4.45 -33.76 -11.28
C LEU B 260 -5.68 -33.70 -12.20
N ALA B 261 -5.53 -33.19 -13.42
CA ALA B 261 -6.67 -33.06 -14.36
C ALA B 261 -7.38 -34.39 -14.56
N GLU B 262 -6.62 -35.47 -14.76
CA GLU B 262 -7.19 -36.81 -14.87
C GLU B 262 -8.02 -37.28 -13.65
N ARG B 263 -7.48 -37.06 -12.44
CA ARG B 263 -8.14 -37.56 -11.26
C ARG B 263 -9.26 -36.66 -10.84
N ALA B 264 -9.06 -35.37 -10.98
CA ALA B 264 -10.15 -34.46 -10.60
C ALA B 264 -11.29 -34.62 -11.59
N GLY B 265 -10.93 -34.67 -12.88
CA GLY B 265 -11.86 -34.88 -13.98
C GLY B 265 -12.69 -36.10 -13.63
N ALA B 266 -12.02 -37.20 -13.31
CA ALA B 266 -12.78 -38.41 -13.00
C ALA B 266 -13.67 -38.24 -11.76
N ALA B 267 -13.38 -37.27 -10.90
CA ALA B 267 -14.22 -37.03 -9.68
C ALA B 267 -15.33 -36.00 -9.89
N GLY B 268 -15.53 -35.60 -11.14
CA GLY B 268 -16.65 -34.75 -11.45
C GLY B 268 -16.29 -33.27 -11.31
N VAL B 269 -14.99 -32.96 -11.20
CA VAL B 269 -14.56 -31.55 -11.14
C VAL B 269 -14.39 -31.00 -12.58
N SER B 270 -14.98 -29.84 -12.87
CA SER B 270 -14.65 -29.18 -14.13
C SER B 270 -13.17 -28.81 -14.20
N VAL B 271 -12.52 -29.15 -15.32
CA VAL B 271 -11.09 -28.88 -15.44
C VAL B 271 -10.67 -28.34 -16.79
N GLU B 272 -9.99 -27.20 -16.78
CA GLU B 272 -9.30 -26.65 -17.95
C GLU B 272 -7.80 -26.64 -17.71
N LEU B 273 -7.03 -27.32 -18.58
CA LEU B 273 -5.57 -27.44 -18.53
C LEU B 273 -5.04 -26.82 -19.82
N LYS B 274 -3.93 -26.11 -19.71
CA LYS B 274 -3.32 -25.62 -20.91
C LYS B 274 -1.81 -25.74 -20.71
N ILE B 275 -1.18 -26.49 -21.62
CA ILE B 275 0.24 -26.71 -21.70
C ILE B 275 0.94 -25.80 -22.74
N TRP B 276 1.92 -25.00 -22.27
CA TRP B 276 2.59 -23.98 -23.09
C TRP B 276 3.95 -24.35 -23.68
N PRO B 277 4.08 -24.39 -25.02
CA PRO B 277 5.36 -24.81 -25.60
C PRO B 277 6.56 -24.01 -25.12
N ASP B 278 7.61 -24.75 -24.80
CA ASP B 278 8.97 -24.21 -24.48
C ASP B 278 8.99 -23.40 -23.19
N MET B 279 7.95 -23.54 -22.35
CA MET B 279 7.92 -22.74 -21.11
C MET B 279 8.43 -23.60 -19.97
N PRO B 280 9.21 -23.01 -19.06
CA PRO B 280 9.67 -23.67 -17.84
C PRO B 280 8.67 -23.55 -16.69
N HIS B 281 9.00 -24.24 -15.61
CA HIS B 281 8.29 -24.19 -14.34
C HIS B 281 7.91 -22.78 -13.91
N VAL B 282 6.61 -22.63 -13.64
CA VAL B 282 6.03 -21.35 -13.26
C VAL B 282 6.61 -20.25 -14.13
N PHE B 283 6.55 -20.47 -15.42
CA PHE B 283 6.98 -19.49 -16.41
C PHE B 283 6.27 -18.15 -16.29
N GLN B 284 5.19 -18.08 -15.54
CA GLN B 284 4.48 -16.77 -15.43
C GLN B 284 5.26 -15.65 -14.65
N MET B 285 6.29 -16.07 -13.88
CA MET B 285 7.21 -15.19 -13.20
C MET B 285 8.11 -14.41 -14.15
N TYR B 286 8.15 -14.78 -15.42
CA TYR B 286 9.17 -14.26 -16.36
C TYR B 286 8.62 -13.58 -17.53
N GLY B 287 7.51 -12.87 -17.37
CA GLY B 287 7.05 -11.89 -18.37
C GLY B 287 8.05 -10.89 -18.93
N LYS B 288 9.08 -10.57 -18.16
CA LYS B 288 10.07 -9.57 -18.62
C LYS B 288 10.83 -10.03 -19.88
N PHE B 289 10.89 -11.35 -19.98
CA PHE B 289 11.69 -12.07 -20.97
C PHE B 289 10.90 -12.83 -22.07
N VAL B 290 9.77 -13.45 -21.71
CA VAL B 290 9.03 -14.22 -22.68
C VAL B 290 7.58 -13.77 -22.81
N ASN B 291 7.14 -13.50 -24.05
CA ASN B 291 5.76 -13.19 -24.13
C ASN B 291 4.69 -14.19 -23.74
N ALA B 292 4.98 -15.50 -23.69
CA ALA B 292 3.94 -16.45 -23.36
C ALA B 292 3.44 -16.13 -21.95
N ALA B 293 4.37 -15.70 -21.09
CA ALA B 293 4.11 -15.46 -19.68
C ALA B 293 2.94 -14.50 -19.49
N ASP B 294 2.88 -13.46 -20.32
CA ASP B 294 1.85 -12.38 -20.17
C ASP B 294 0.56 -12.83 -20.78
N ILE B 295 0.67 -13.67 -21.76
CA ILE B 295 -0.47 -14.23 -22.40
C ILE B 295 -1.15 -15.18 -21.42
N SER B 296 -0.38 -16.03 -20.74
CA SER B 296 -0.93 -16.92 -19.76
C SER B 296 -1.62 -16.06 -18.65
N ILE B 297 -0.86 -15.13 -18.08
CA ILE B 297 -1.41 -14.20 -17.09
C ILE B 297 -2.76 -13.61 -17.51
N LYS B 298 -2.80 -13.02 -18.68
CA LYS B 298 -4.02 -12.44 -19.22
C LYS B 298 -5.17 -13.45 -19.45
N GLU B 299 -4.85 -14.66 -19.91
CA GLU B 299 -5.83 -15.73 -19.95
C GLU B 299 -6.34 -16.06 -18.55
N ILE B 300 -5.45 -16.03 -17.55
CA ILE B 300 -5.86 -16.40 -16.20
C ILE B 300 -6.83 -15.38 -15.69
N CYS B 301 -6.50 -14.12 -15.95
CA CYS B 301 -7.36 -13.04 -15.52
C CYS B 301 -8.68 -13.07 -16.25
N HIS B 302 -8.70 -13.38 -17.54
CA HIS B 302 -10.02 -13.42 -18.18
C HIS B 302 -10.94 -14.45 -17.49
N TRP B 303 -10.38 -15.61 -17.12
CA TRP B 303 -11.13 -16.73 -16.57
C TRP B 303 -11.62 -16.40 -15.15
N ILE B 304 -10.71 -15.79 -14.37
CA ILE B 304 -10.97 -15.41 -12.98
C ILE B 304 -12.21 -14.54 -12.91
N SER B 305 -12.28 -13.65 -13.87
CA SER B 305 -13.19 -12.54 -13.77
C SER B 305 -14.50 -12.88 -14.48
N ALA B 306 -14.45 -13.78 -15.46
CA ALA B 306 -15.65 -14.31 -16.08
C ALA B 306 -16.52 -15.02 -15.05
N ARG B 307 -15.90 -15.78 -14.15
CA ARG B 307 -16.71 -16.64 -13.27
C ARG B 307 -16.86 -16.17 -11.87
N ILE B 308 -16.00 -15.23 -11.44
CA ILE B 308 -16.29 -14.47 -10.24
C ILE B 308 -17.47 -13.63 -10.70
N SER B 309 -18.64 -14.29 -10.75
CA SER B 309 -19.97 -13.73 -11.19
C SER B 309 -20.21 -13.50 -12.72
N THR C 14 5.91 0.67 33.25
CA THR C 14 6.03 2.02 33.90
C THR C 14 7.07 2.94 33.22
N LYS C 15 6.69 4.20 32.99
CA LYS C 15 7.54 5.10 32.18
C LYS C 15 8.74 5.68 32.90
N MET C 16 9.70 6.18 32.13
CA MET C 16 10.98 6.63 32.65
C MET C 16 10.83 8.06 33.18
N ASP C 17 11.47 8.39 34.31
CA ASP C 17 11.67 9.80 34.75
C ASP C 17 12.48 10.46 33.63
N PRO C 18 12.01 11.57 33.08
CA PRO C 18 12.67 12.21 31.92
C PRO C 18 14.15 12.46 32.11
N ARG C 19 14.51 12.94 33.30
CA ARG C 19 15.93 13.07 33.67
C ARG C 19 16.67 11.69 33.69
N ASP C 20 15.93 10.59 33.87
CA ASP C 20 16.54 9.22 33.77
C ASP C 20 16.84 8.88 32.31
N PHE C 21 15.78 9.02 31.49
CA PHE C 21 15.90 8.91 30.04
C PHE C 21 17.11 9.67 29.43
N LEU C 22 17.34 10.91 29.87
CA LEU C 22 18.50 11.61 29.38
C LEU C 22 19.81 10.90 29.78
N GLN C 23 19.90 10.47 31.03
CA GLN C 23 21.04 9.71 31.51
C GLN C 23 21.17 8.50 30.56
N LEU C 24 20.06 7.78 30.37
CA LEU C 24 20.03 6.69 29.39
C LEU C 24 20.68 7.08 28.07
N LEU C 25 20.30 8.24 27.53
CA LEU C 25 20.82 8.57 26.22
C LEU C 25 22.27 8.97 26.23
N LYS C 26 22.71 9.60 27.33
CA LYS C 26 24.08 10.05 27.46
C LYS C 26 25.01 8.86 27.43
N ILE C 27 24.72 7.90 28.32
CA ILE C 27 25.52 6.67 28.39
C ILE C 27 25.61 5.91 27.06
N ASN C 28 24.54 5.91 26.25
CA ASN C 28 24.53 5.31 24.92
C ASN C 28 25.31 6.10 23.90
N ALA C 29 25.23 7.42 24.02
CA ALA C 29 25.91 8.32 23.10
C ALA C 29 27.42 8.19 23.28
N GLU C 30 27.87 8.31 24.54
CA GLU C 30 29.31 8.28 24.92
C GLU C 30 30.04 7.01 24.49
N LYS C 31 29.31 6.04 23.95
CA LYS C 31 29.85 4.70 23.71
C LYS C 31 29.84 4.21 22.25
N ALA C 32 28.93 4.70 21.41
CA ALA C 32 28.94 4.35 19.99
C ALA C 32 29.70 5.41 19.17
N ASP C 39 28.54 5.53 5.95
CA ASP C 39 27.18 6.06 6.03
C ASP C 39 26.25 4.83 5.99
N GLN C 40 26.82 3.65 6.29
CA GLN C 40 25.95 2.48 6.61
C GLN C 40 25.54 2.42 8.10
N LYS C 41 25.63 3.60 8.72
CA LYS C 41 24.93 3.97 9.92
C LYS C 41 23.44 4.01 9.63
N ARG C 42 23.12 3.95 8.34
CA ARG C 42 21.78 3.97 7.85
C ARG C 42 21.16 2.66 8.27
N ALA C 43 21.92 1.59 8.16
CA ALA C 43 21.44 0.28 8.53
C ALA C 43 21.36 0.12 10.03
N GLY C 44 22.32 0.65 10.75
CA GLY C 44 22.21 0.71 12.18
C GLY C 44 20.88 1.30 12.56
N MET C 45 20.61 2.45 11.96
CA MET C 45 19.35 3.14 12.13
C MET C 45 18.18 2.24 11.79
N GLU C 46 18.08 1.72 10.58
CA GLU C 46 16.94 0.90 10.25
C GLU C 46 16.73 -0.28 11.20
N ALA C 47 17.76 -0.90 11.69
CA ALA C 47 17.53 -2.08 12.48
C ALA C 47 16.96 -1.69 13.79
N LEU C 48 17.67 -0.83 14.46
CA LEU C 48 17.21 -0.40 15.72
C LEU C 48 15.86 0.25 15.64
N CYS C 49 15.48 0.79 14.48
CA CYS C 49 14.22 1.50 14.43
C CYS C 49 13.08 0.52 14.23
N GLU C 50 13.29 -0.55 13.46
CA GLU C 50 12.27 -1.59 13.39
C GLU C 50 12.01 -2.14 14.76
N ARG C 51 12.97 -1.98 15.67
CA ARG C 51 12.72 -2.40 17.08
C ARG C 51 11.61 -1.74 17.94
N PHE C 52 10.93 -0.74 17.43
CA PHE C 52 10.13 0.24 18.16
C PHE C 52 8.65 0.04 17.85
N PRO C 53 7.79 0.06 18.89
CA PRO C 53 6.36 -0.25 18.71
C PRO C 53 5.68 0.67 17.71
N ARG C 54 4.95 0.06 16.79
CA ARG C 54 4.03 0.77 15.90
C ARG C 54 2.66 0.87 16.54
N ALA C 55 1.85 1.82 16.09
CA ALA C 55 0.53 2.04 16.67
C ALA C 55 -0.40 0.96 16.17
N GLU C 56 -0.93 0.18 17.10
CA GLU C 56 -1.85 -0.90 16.73
C GLU C 56 -3.09 -0.33 16.04
N GLY C 57 -3.50 -0.99 14.94
CA GLY C 57 -4.67 -0.60 14.18
C GLY C 57 -4.46 0.32 12.99
N VAL C 58 -3.26 0.86 12.79
CA VAL C 58 -3.03 1.69 11.58
C VAL C 58 -2.37 0.81 10.53
N GLU C 59 -2.90 0.89 9.33
CA GLU C 59 -2.52 0.05 8.25
C GLU C 59 -1.45 0.67 7.38
N LEU C 60 -0.36 -0.07 7.16
CA LEU C 60 0.69 0.43 6.22
C LEU C 60 0.44 0.00 4.75
N THR C 61 0.56 0.93 3.83
CA THR C 61 0.36 0.58 2.43
C THR C 61 1.44 1.25 1.61
N LEU C 62 2.21 0.43 0.86
CA LEU C 62 3.30 0.92 0.00
C LEU C 62 2.68 1.32 -1.31
N THR C 63 2.82 2.58 -1.62
CA THR C 63 2.24 3.13 -2.81
C THR C 63 3.17 4.23 -3.16
N ASP C 64 2.69 5.19 -3.95
CA ASP C 64 3.52 6.31 -4.24
C ASP C 64 2.75 7.63 -4.47
N LEU C 65 3.47 8.76 -4.42
CA LEU C 65 2.85 10.04 -4.74
C LEU C 65 3.64 10.75 -5.77
N GLY C 66 3.00 11.09 -6.86
CA GLY C 66 3.63 11.90 -7.93
C GLY C 66 4.93 11.31 -8.41
N GLY C 67 5.02 10.00 -8.34
CA GLY C 67 6.19 9.33 -8.75
C GLY C 67 7.16 8.98 -7.67
N VAL C 68 6.94 9.41 -6.42
CA VAL C 68 7.90 9.15 -5.30
C VAL C 68 7.35 8.10 -4.30
N PRO C 69 8.16 7.10 -3.89
CA PRO C 69 7.58 6.10 -2.98
C PRO C 69 7.22 6.65 -1.59
N CYS C 70 6.09 6.19 -1.09
CA CYS C 70 5.68 6.52 0.28
C CYS C 70 5.02 5.34 0.97
N ILE C 71 4.81 5.47 2.28
CA ILE C 71 3.96 4.55 3.05
C ILE C 71 2.74 5.38 3.46
N ARG C 72 1.56 4.99 2.94
CA ARG C 72 0.28 5.52 3.35
C ARG C 72 -0.13 4.82 4.62
N GLN C 73 -0.64 5.60 5.56
CA GLN C 73 -0.97 5.13 6.89
C GLN C 73 -2.29 5.75 7.25
N ALA C 74 -3.19 4.89 7.69
CA ALA C 74 -4.49 5.32 8.17
C ALA C 74 -5.03 4.20 9.03
N THR C 75 -5.94 4.57 9.92
CA THR C 75 -6.75 3.58 10.65
C THR C 75 -7.96 3.29 9.79
N ASP C 76 -8.67 2.23 10.17
CA ASP C 76 -9.96 1.90 9.55
C ASP C 76 -10.91 3.07 9.84
N GLY C 77 -11.43 3.72 8.79
CA GLY C 77 -12.34 4.88 8.97
C GLY C 77 -11.65 6.13 9.60
N ALA C 78 -10.45 6.46 9.11
CA ALA C 78 -9.93 7.82 9.08
C ALA C 78 -10.94 8.70 8.31
N GLY C 79 -10.80 10.02 8.42
CA GLY C 79 -11.65 10.95 7.67
C GLY C 79 -11.09 11.51 6.37
N ALA C 80 -11.51 12.72 6.04
CA ALA C 80 -11.12 13.37 4.78
C ALA C 80 -9.73 14.06 4.78
N ALA C 81 -9.07 14.11 5.93
CA ALA C 81 -7.81 14.84 6.04
C ALA C 81 -6.52 14.03 5.72
N HIS C 82 -5.55 14.74 5.14
CA HIS C 82 -4.24 14.17 4.83
C HIS C 82 -3.10 14.91 5.49
N ILE C 83 -2.08 14.12 5.84
CA ILE C 83 -0.82 14.64 6.31
C ILE C 83 0.27 14.14 5.39
N LEU C 84 0.95 15.08 4.75
CA LEU C 84 2.13 14.74 3.99
C LEU C 84 3.29 14.85 4.96
N TYR C 85 3.85 13.70 5.37
CA TYR C 85 4.92 13.63 6.37
C TYR C 85 6.33 13.45 5.77
N PHE C 86 7.29 14.26 6.25
CA PHE C 86 8.72 14.09 5.89
C PHE C 86 9.61 13.66 7.04
N HIS C 87 10.19 12.48 6.93
CA HIS C 87 10.97 11.93 8.08
C HIS C 87 12.29 12.70 8.30
N GLY C 88 12.87 12.57 9.50
CA GLY C 88 14.19 13.16 9.74
C GLY C 88 15.32 12.17 9.50
N GLY C 89 16.49 12.55 10.02
CA GLY C 89 17.72 11.90 9.68
C GLY C 89 18.73 12.79 8.96
N GLY C 90 18.61 14.10 9.16
CA GLY C 90 19.67 15.02 8.75
C GLY C 90 19.87 15.14 7.26
N TYR C 91 18.83 14.87 6.46
CA TYR C 91 18.92 14.83 5.00
C TYR C 91 19.76 13.70 4.34
N ILE C 92 20.36 12.84 5.15
CA ILE C 92 21.30 11.88 4.58
C ILE C 92 20.87 10.47 5.06
N SER C 93 19.83 10.39 5.89
CA SER C 93 19.37 9.11 6.44
C SER C 93 17.88 9.01 6.85
N GLY C 94 17.44 7.80 7.11
CA GLY C 94 16.08 7.51 7.52
C GLY C 94 15.20 7.33 6.29
N SER C 95 13.95 6.93 6.56
CA SER C 95 13.05 6.48 5.53
C SER C 95 11.71 6.58 6.20
N PRO C 96 10.60 6.47 5.43
CA PRO C 96 9.32 6.29 6.09
C PRO C 96 9.35 5.13 7.10
N SER C 97 10.12 4.07 6.79
CA SER C 97 10.17 2.93 7.71
C SER C 97 10.75 3.21 9.08
N THR C 98 11.94 3.80 9.18
CA THR C 98 12.53 4.16 10.49
C THR C 98 11.58 5.01 11.37
N HIS C 99 10.70 5.78 10.77
CA HIS C 99 9.93 6.78 11.52
C HIS C 99 8.52 6.36 11.77
N LEU C 100 8.24 5.07 11.60
CA LEU C 100 6.87 4.58 11.79
C LEU C 100 6.41 4.62 13.28
N VAL C 101 7.33 4.63 14.25
CA VAL C 101 6.93 4.74 15.66
C VAL C 101 6.11 5.98 15.81
N LEU C 102 6.67 7.04 15.24
CA LEU C 102 6.10 8.35 15.34
C LEU C 102 4.95 8.49 14.41
N THR C 103 5.17 8.23 13.12
CA THR C 103 4.10 8.58 12.16
C THR C 103 2.80 7.74 12.34
N THR C 104 2.89 6.57 12.95
CA THR C 104 1.67 5.84 13.13
C THR C 104 0.87 6.39 14.29
N GLN C 105 1.52 6.93 15.31
CA GLN C 105 0.77 7.65 16.35
C GLN C 105 0.01 8.85 15.76
N LEU C 106 0.68 9.59 14.89
CA LEU C 106 0.02 10.74 14.25
C LEU C 106 -1.19 10.31 13.47
N ALA C 107 -1.07 9.26 12.64
CA ALA C 107 -2.24 8.73 11.90
C ALA C 107 -3.31 8.30 12.90
N LYS C 108 -2.92 7.52 13.90
CA LYS C 108 -3.84 7.08 14.95
C LYS C 108 -4.64 8.24 15.60
N GLN C 109 -3.94 9.27 16.09
CA GLN C 109 -4.62 10.27 16.91
C GLN C 109 -5.35 11.29 16.09
N SER C 110 -5.00 11.51 14.84
CA SER C 110 -5.62 12.62 14.13
C SER C 110 -6.75 12.19 13.24
N SER C 111 -6.88 10.87 13.03
CA SER C 111 -7.81 10.30 12.03
C SER C 111 -7.64 10.91 10.65
N ALA C 112 -6.40 11.26 10.31
CA ALA C 112 -6.09 11.63 8.93
C ALA C 112 -5.38 10.45 8.27
N THR C 113 -5.21 10.57 6.96
CA THR C 113 -4.48 9.59 6.15
C THR C 113 -3.14 10.22 5.94
N LEU C 114 -2.10 9.61 6.50
CA LEU C 114 -0.75 10.17 6.40
C LEU C 114 0.11 9.47 5.32
N TRP C 115 0.78 10.26 4.50
CA TRP C 115 1.65 9.75 3.48
C TRP C 115 3.08 10.04 3.90
N SER C 116 3.82 9.03 4.36
CA SER C 116 5.20 9.26 4.80
C SER C 116 6.16 9.08 3.59
N LEU C 117 6.71 10.20 3.08
CA LEU C 117 7.40 10.24 1.79
C LEU C 117 8.85 9.79 1.83
N ASP C 118 9.23 8.88 0.92
CA ASP C 118 10.62 8.42 0.79
C ASP C 118 11.29 9.36 -0.18
N TYR C 119 11.75 10.50 0.33
CA TYR C 119 12.34 11.54 -0.50
C TYR C 119 13.79 11.17 -0.64
N ARG C 120 14.36 11.56 -1.75
CA ARG C 120 15.75 11.25 -2.05
C ARG C 120 16.75 11.80 -1.03
N LEU C 121 17.72 10.97 -0.69
CA LEU C 121 18.72 11.32 0.30
C LEU C 121 20.00 11.97 -0.29
N ALA C 122 20.74 12.68 0.54
CA ALA C 122 22.04 13.17 0.18
C ALA C 122 23.03 12.20 0.88
N PRO C 123 24.31 12.14 0.45
CA PRO C 123 24.83 12.95 -0.67
C PRO C 123 24.71 12.40 -2.10
N GLU C 124 24.08 11.23 -2.29
CA GLU C 124 24.03 10.61 -3.62
C GLU C 124 23.09 11.39 -4.48
N ASN C 125 22.02 11.97 -3.85
CA ASN C 125 21.12 12.81 -4.63
C ASN C 125 21.15 14.27 -4.14
N PRO C 126 22.06 15.08 -4.71
CA PRO C 126 22.28 16.35 -4.00
C PRO C 126 21.12 17.36 -4.16
N PHE C 127 21.16 18.45 -3.40
CA PHE C 127 20.14 19.49 -3.44
C PHE C 127 19.96 19.89 -4.92
N PRO C 128 18.72 20.02 -5.40
CA PRO C 128 17.43 20.02 -4.75
C PRO C 128 16.62 18.75 -4.93
N ALA C 129 17.29 17.63 -5.05
CA ALA C 129 16.57 16.34 -5.21
C ALA C 129 15.40 16.16 -4.21
N ALA C 130 15.71 16.07 -2.92
CA ALA C 130 14.67 15.90 -1.87
C ALA C 130 13.60 16.97 -1.98
N VAL C 131 14.05 18.21 -2.21
CA VAL C 131 13.14 19.31 -2.18
C VAL C 131 12.15 19.09 -3.28
N ASP C 132 12.63 18.97 -4.53
CA ASP C 132 11.83 18.57 -5.71
C ASP C 132 10.88 17.38 -5.50
N ASP C 133 11.29 16.35 -4.79
CA ASP C 133 10.35 15.27 -4.50
C ASP C 133 9.11 15.74 -3.68
N CYS C 134 9.39 16.46 -2.58
CA CYS C 134 8.33 16.95 -1.69
C CYS C 134 7.37 17.84 -2.46
N VAL C 135 7.90 18.64 -3.35
CA VAL C 135 7.03 19.46 -4.18
C VAL C 135 6.12 18.62 -5.09
N ALA C 136 6.69 17.59 -5.71
CA ALA C 136 5.94 16.79 -6.69
C ALA C 136 4.94 15.95 -5.99
N ALA C 137 5.30 15.46 -4.80
CA ALA C 137 4.37 14.65 -4.01
C ALA C 137 3.16 15.47 -3.54
N TYR C 138 3.41 16.71 -3.16
CA TYR C 138 2.36 17.61 -2.77
C TYR C 138 1.50 17.96 -3.98
N ARG C 139 2.14 18.34 -5.09
CA ARG C 139 1.43 18.54 -6.36
C ARG C 139 0.41 17.46 -6.63
N ALA C 140 0.78 16.22 -6.34
CA ALA C 140 -0.06 15.08 -6.63
C ALA C 140 -1.04 14.86 -5.50
N LEU C 141 -0.69 15.33 -4.31
CA LEU C 141 -1.58 15.15 -3.15
C LEU C 141 -2.78 16.07 -3.27
N LEU C 142 -2.64 17.22 -3.94
CA LEU C 142 -3.78 18.09 -4.17
C LEU C 142 -4.88 17.41 -5.00
N LYS C 143 -4.48 16.45 -5.85
CA LYS C 143 -5.43 15.70 -6.64
C LYS C 143 -6.11 14.63 -5.78
N THR C 144 -5.33 13.78 -5.10
CA THR C 144 -5.96 12.81 -4.20
C THR C 144 -6.77 13.46 -3.08
N ALA C 145 -6.31 14.61 -2.61
CA ALA C 145 -6.92 15.36 -1.50
C ALA C 145 -8.28 15.97 -1.81
N GLY C 146 -8.36 16.66 -2.96
CA GLY C 146 -9.51 17.50 -3.31
C GLY C 146 -9.21 18.99 -3.23
N SER C 147 -8.57 19.39 -2.13
CA SER C 147 -8.25 20.80 -1.87
C SER C 147 -7.03 20.86 -0.94
N ALA C 148 -6.21 21.90 -1.09
CA ALA C 148 -5.13 22.22 -0.11
C ALA C 148 -5.64 22.31 1.35
N ASP C 149 -6.85 22.88 1.52
CA ASP C 149 -7.57 22.96 2.80
C ASP C 149 -7.57 21.74 3.67
N ARG C 150 -7.49 20.58 3.04
CA ARG C 150 -7.59 19.32 3.76
C ARG C 150 -6.19 18.71 3.98
N ILE C 151 -5.16 19.45 3.56
CA ILE C 151 -3.74 18.99 3.73
C ILE C 151 -2.90 19.74 4.81
N ILE C 152 -2.28 18.99 5.72
CA ILE C 152 -1.20 19.51 6.56
C ILE C 152 0.17 18.91 6.10
N ILE C 153 1.20 19.73 5.90
CA ILE C 153 2.57 19.18 5.71
C ILE C 153 3.19 19.11 7.09
N ALA C 154 3.79 17.96 7.45
CA ALA C 154 4.50 17.79 8.74
C ALA C 154 5.84 17.07 8.57
N GLY C 155 6.78 17.31 9.49
CA GLY C 155 8.11 16.69 9.46
C GLY C 155 8.95 16.90 10.73
N ASP C 156 9.98 16.07 10.97
CA ASP C 156 10.88 16.23 12.12
C ASP C 156 12.33 16.38 11.66
N SER C 157 13.13 17.17 12.38
CA SER C 157 14.56 17.36 12.06
C SER C 157 14.59 17.86 10.61
N ALA C 158 15.39 17.24 9.75
CA ALA C 158 15.49 17.61 8.32
C ALA C 158 14.13 17.61 7.60
N GLY C 159 13.26 16.73 8.03
CA GLY C 159 11.92 16.71 7.44
C GLY C 159 11.12 17.93 7.86
N GLY C 160 11.39 18.46 9.06
CA GLY C 160 10.88 19.79 9.47
C GLY C 160 11.40 20.86 8.53
N GLY C 161 12.71 20.78 8.21
CA GLY C 161 13.30 21.68 7.24
C GLY C 161 12.55 21.60 5.94
N LEU C 162 12.32 20.38 5.51
CA LEU C 162 11.64 20.16 4.25
C LEU C 162 10.17 20.67 4.29
N THR C 163 9.45 20.45 5.40
CA THR C 163 8.12 21.02 5.39
C THR C 163 8.05 22.49 5.01
N THR C 164 8.97 23.32 5.52
CA THR C 164 9.06 24.73 5.10
C THR C 164 9.56 24.93 3.66
N ALA C 165 10.78 24.51 3.36
CA ALA C 165 11.41 24.66 2.02
C ALA C 165 10.53 24.23 0.89
N SER C 166 9.83 23.10 1.05
CA SER C 166 9.02 22.60 -0.07
C SER C 166 7.81 23.48 -0.36
N MET C 167 7.22 24.01 0.71
CA MET C 167 6.19 24.98 0.58
C MET C 167 6.72 26.30 0.06
N LEU C 168 7.94 26.70 0.42
CA LEU C 168 8.48 27.87 -0.28
C LEU C 168 8.52 27.65 -1.82
N LYS C 169 9.31 26.67 -2.26
CA LYS C 169 9.30 26.29 -3.68
C LYS C 169 7.90 26.03 -4.28
N ALA C 170 6.99 25.43 -3.53
CA ALA C 170 5.69 25.16 -4.11
C ALA C 170 4.90 26.44 -4.36
N LYS C 171 5.19 27.49 -3.57
CA LYS C 171 4.51 28.77 -3.62
C LYS C 171 5.06 29.52 -4.84
N GLU C 172 6.37 29.41 -5.03
CA GLU C 172 7.00 29.99 -6.19
C GLU C 172 6.51 29.36 -7.51
N ASP C 173 6.11 28.08 -7.46
CA ASP C 173 5.50 27.38 -8.61
C ASP C 173 4.01 27.67 -8.86
N GLY C 174 3.35 28.43 -7.99
CA GLY C 174 1.98 28.85 -8.20
C GLY C 174 1.01 27.92 -7.54
N LEU C 175 1.53 26.97 -6.78
CA LEU C 175 0.68 25.98 -6.14
C LEU C 175 0.03 26.62 -4.92
N PRO C 176 -1.24 26.26 -4.61
CA PRO C 176 -1.88 26.91 -3.47
C PRO C 176 -1.36 26.33 -2.16
N MET C 177 -1.41 27.13 -1.08
CA MET C 177 -0.87 26.73 0.25
C MET C 177 -1.75 25.79 1.07
N PRO C 178 -1.11 24.85 1.79
CA PRO C 178 -1.91 23.92 2.58
C PRO C 178 -2.47 24.56 3.86
N ALA C 179 -3.24 23.79 4.63
CA ALA C 179 -3.93 24.26 5.81
C ALA C 179 -2.99 24.63 6.96
N GLY C 180 -1.71 24.27 6.84
CA GLY C 180 -0.78 24.46 7.94
C GLY C 180 0.40 23.50 7.88
N LEU C 181 1.35 23.75 8.80
CA LEU C 181 2.64 23.16 8.75
C LEU C 181 2.96 22.73 10.15
N VAL C 182 3.49 21.51 10.31
CA VAL C 182 3.90 21.01 11.61
C VAL C 182 5.38 20.51 11.62
N MET C 183 6.18 21.01 12.59
CA MET C 183 7.63 20.75 12.60
C MET C 183 8.01 20.37 13.98
N LEU C 184 8.79 19.26 14.08
CA LEU C 184 9.24 18.71 15.33
C LEU C 184 10.77 18.76 15.31
N SER C 185 11.34 19.52 16.25
CA SER C 185 12.74 19.87 16.21
C SER C 185 13.34 20.11 14.79
N PRO C 186 12.74 21.04 14.02
CA PRO C 186 13.22 21.33 12.65
C PRO C 186 14.68 21.75 12.60
N PHE C 187 15.31 21.33 11.51
CA PHE C 187 16.74 21.51 11.30
C PHE C 187 16.67 22.45 10.12
N VAL C 188 16.84 23.74 10.40
CA VAL C 188 16.59 24.76 9.40
C VAL C 188 17.69 25.77 9.31
N ASP C 189 18.74 25.66 10.10
CA ASP C 189 19.89 26.55 9.85
C ASP C 189 21.17 25.77 9.75
N LEU C 190 21.69 25.56 8.54
CA LEU C 190 22.78 24.56 8.48
C LEU C 190 24.12 25.19 8.74
N THR C 191 24.09 26.41 9.31
CA THR C 191 25.34 27.10 9.60
C THR C 191 25.82 26.67 10.95
N LEU C 192 24.92 26.10 11.73
CA LEU C 192 25.28 25.54 13.03
C LEU C 192 25.92 26.59 13.95
N SER C 193 25.41 27.81 13.96
CA SER C 193 26.08 28.94 14.66
C SER C 193 25.31 29.56 15.82
N ARG C 194 24.11 29.10 16.07
CA ARG C 194 23.26 29.84 16.97
C ARG C 194 23.53 29.55 18.41
N TRP C 195 22.87 30.31 19.25
CA TRP C 195 23.05 30.19 20.65
C TRP C 195 23.04 28.73 21.02
N SER C 196 21.99 28.01 20.67
CA SER C 196 21.84 26.71 21.32
C SER C 196 22.91 25.69 20.90
N ASN C 197 23.42 25.81 19.66
CA ASN C 197 24.49 24.96 19.11
C ASN C 197 25.76 24.93 19.95
N SER C 198 26.28 26.07 20.40
CA SER C 198 27.45 26.01 21.28
C SER C 198 26.98 25.73 22.70
N ASN C 199 25.91 26.39 23.08
CA ASN C 199 25.43 26.39 24.45
C ASN C 199 24.78 25.13 25.03
N LEU C 200 24.09 24.35 24.20
CA LEU C 200 23.47 23.11 24.66
C LEU C 200 24.16 21.87 24.02
N ALA C 201 25.27 22.07 23.30
CA ALA C 201 26.07 20.94 22.73
C ALA C 201 26.17 19.73 23.70
N ASP C 202 26.72 19.90 24.87
CA ASP C 202 26.94 18.82 25.80
C ASP C 202 25.71 18.29 26.55
N ARG C 203 24.52 18.73 26.16
CA ARG C 203 23.28 18.13 26.64
C ARG C 203 22.48 17.48 25.52
N ASP C 204 22.94 17.61 24.28
CA ASP C 204 22.27 16.96 23.21
C ASP C 204 22.94 15.63 22.82
N PHE C 205 22.45 14.54 23.39
CA PHE C 205 23.12 13.25 23.13
C PHE C 205 22.59 12.60 21.86
N LEU C 206 21.79 13.32 21.07
CA LEU C 206 21.26 12.82 19.80
C LEU C 206 21.85 13.52 18.60
N ALA C 207 21.69 14.83 18.54
CA ALA C 207 22.20 15.62 17.45
C ALA C 207 23.50 16.26 17.99
N GLU C 208 24.58 15.46 17.98
CA GLU C 208 25.87 15.85 18.51
C GLU C 208 26.59 16.68 17.48
N PRO C 209 27.65 17.41 17.90
CA PRO C 209 28.31 18.38 17.03
C PRO C 209 28.81 17.79 15.71
N ASP C 210 29.57 16.70 15.76
CA ASP C 210 30.07 16.18 14.48
C ASP C 210 29.04 15.33 13.74
N THR C 211 28.16 14.66 14.48
CA THR C 211 26.88 14.24 13.88
C THR C 211 26.32 15.38 12.97
N LEU C 212 26.12 16.57 13.54
CA LEU C 212 25.49 17.70 12.85
C LEU C 212 26.30 18.33 11.72
N GLY C 213 27.57 18.66 11.96
CA GLY C 213 28.45 19.20 10.90
C GLY C 213 28.41 18.36 9.62
N GLU C 214 28.51 17.04 9.79
CA GLU C 214 28.46 16.09 8.69
C GLU C 214 27.14 16.17 7.88
N MET C 215 26.01 16.04 8.58
CA MET C 215 24.74 16.21 7.91
C MET C 215 24.76 17.57 7.16
N SER C 216 25.35 18.58 7.78
CA SER C 216 25.35 19.90 7.14
C SER C 216 26.19 19.92 5.86
N GLU C 217 27.43 19.46 5.94
CA GLU C 217 28.25 19.60 4.75
C GLU C 217 27.81 18.64 3.63
N LEU C 218 27.42 17.43 4.00
CA LEU C 218 26.95 16.45 3.02
C LEU C 218 25.76 16.93 2.23
N TYR C 219 24.78 17.53 2.92
CA TYR C 219 23.62 18.06 2.19
C TYR C 219 23.94 19.37 1.43
N VAL C 220 24.81 20.19 2.00
CA VAL C 220 25.13 21.44 1.33
C VAL C 220 25.78 21.21 -0.04
N GLY C 221 26.57 20.13 -0.20
CA GLY C 221 27.42 19.97 -1.43
C GLY C 221 28.21 21.26 -1.63
N GLY C 222 28.15 21.79 -2.85
CA GLY C 222 28.80 23.06 -3.17
C GLY C 222 27.77 24.15 -3.31
N GLU C 223 26.78 24.13 -2.43
CA GLU C 223 25.75 25.10 -2.53
C GLU C 223 26.06 26.12 -1.42
N ASP C 224 25.36 27.24 -1.48
CA ASP C 224 25.43 28.21 -0.40
C ASP C 224 24.65 27.59 0.78
N ARG C 225 25.27 27.58 1.95
CA ARG C 225 24.65 26.97 3.12
C ARG C 225 23.51 27.88 3.66
N LYS C 226 23.55 29.15 3.25
CA LYS C 226 22.46 30.06 3.52
C LYS C 226 21.44 30.14 2.38
N ASN C 227 21.51 29.19 1.43
CA ASN C 227 20.44 29.08 0.43
C ASN C 227 19.10 29.05 1.15
N PRO C 228 18.14 29.90 0.72
CA PRO C 228 16.87 29.88 1.44
C PRO C 228 16.23 28.51 1.45
N LEU C 229 16.41 27.71 0.40
CA LEU C 229 15.77 26.38 0.33
C LEU C 229 16.51 25.30 1.15
N ILE C 230 17.71 25.64 1.62
CA ILE C 230 18.55 24.75 2.44
C ILE C 230 18.48 25.16 3.91
N SER C 231 18.51 26.47 4.17
CA SER C 231 18.27 26.97 5.52
C SER C 231 17.17 28.05 5.53
N PRO C 232 15.88 27.65 5.55
CA PRO C 232 14.66 28.46 5.47
C PRO C 232 14.59 29.60 6.49
N VAL C 233 15.35 29.46 7.54
CA VAL C 233 15.62 30.60 8.42
C VAL C 233 16.03 31.92 7.63
N TYR C 234 16.70 31.78 6.50
CA TYR C 234 17.11 32.95 5.70
C TYR C 234 16.16 33.25 4.54
N ALA C 235 15.05 32.55 4.47
CA ALA C 235 14.13 32.79 3.41
C ALA C 235 13.22 34.01 3.69
N ASP C 236 12.74 34.57 2.60
CA ASP C 236 11.49 35.24 2.55
C ASP C 236 10.38 34.20 2.78
N LEU C 237 9.81 34.23 3.98
CA LEU C 237 8.90 33.21 4.47
C LEU C 237 7.47 33.69 4.39
N SER C 238 7.28 34.81 3.72
CA SER C 238 5.98 35.44 3.51
C SER C 238 5.13 34.49 2.76
N GLY C 239 3.81 34.56 3.01
CA GLY C 239 2.81 33.86 2.20
C GLY C 239 2.48 32.47 2.73
N LEU C 240 3.33 31.96 3.63
CA LEU C 240 3.26 30.56 4.13
C LEU C 240 2.16 30.36 5.14
N PRO C 241 1.62 29.12 5.25
CA PRO C 241 0.48 28.92 6.13
C PRO C 241 0.91 28.73 7.58
N GLU C 242 -0.08 28.72 8.45
CA GLU C 242 0.19 28.77 9.86
C GLU C 242 1.03 27.56 10.37
N MET C 243 1.89 27.84 11.34
CA MET C 243 2.95 26.95 11.77
C MET C 243 2.78 26.51 13.21
N LEU C 244 3.02 25.22 13.47
CA LEU C 244 3.15 24.72 14.83
C LEU C 244 4.51 24.06 14.94
N ILE C 245 5.27 24.45 15.96
CA ILE C 245 6.61 23.93 16.17
C ILE C 245 6.67 23.41 17.58
N HIS C 246 7.18 22.21 17.80
CA HIS C 246 7.46 21.66 19.14
C HIS C 246 8.89 21.26 19.13
N VAL C 247 9.56 21.35 20.28
CA VAL C 247 11.00 21.12 20.31
C VAL C 247 11.29 20.85 21.77
N GLY C 248 12.45 20.28 22.08
CA GLY C 248 12.77 19.98 23.48
C GLY C 248 13.78 21.01 23.96
N SER C 249 14.00 21.07 25.27
CA SER C 249 15.11 21.84 25.82
C SER C 249 16.45 21.23 25.55
N GLU C 250 16.50 19.93 25.48
CA GLU C 250 17.82 19.33 25.53
C GLU C 250 18.41 19.27 24.12
N GLU C 251 18.46 20.42 23.43
CA GLU C 251 18.55 20.45 21.96
C GLU C 251 19.52 21.52 21.46
N ALA C 252 20.57 21.10 20.73
CA ALA C 252 21.48 21.99 20.02
C ALA C 252 20.78 22.80 19.00
N LEU C 253 19.63 22.31 18.50
CA LEU C 253 18.83 23.07 17.48
C LEU C 253 17.65 23.82 18.05
N LEU C 254 17.69 24.10 19.35
CA LEU C 254 16.64 24.89 19.97
C LEU C 254 16.51 26.25 19.22
N SER C 255 17.65 26.93 19.07
CA SER C 255 17.73 28.20 18.36
C SER C 255 17.21 28.10 16.95
N ASP C 256 17.28 26.91 16.32
CA ASP C 256 16.60 26.73 14.99
C ASP C 256 15.10 26.96 15.04
N SER C 257 14.46 26.37 16.04
CA SER C 257 13.06 26.57 16.32
C SER C 257 12.74 28.00 16.79
N THR C 258 13.57 28.63 17.61
CA THR C 258 13.21 29.95 18.14
C THR C 258 13.51 30.98 17.06
N THR C 259 14.58 30.77 16.30
CA THR C 259 14.90 31.65 15.17
C THR C 259 13.87 31.59 14.03
N LEU C 260 13.46 30.37 13.64
CA LEU C 260 12.39 30.24 12.64
C LEU C 260 11.16 30.94 13.13
N ALA C 261 10.80 30.72 14.39
CA ALA C 261 9.60 31.38 14.89
C ALA C 261 9.76 32.90 14.67
N GLU C 262 10.93 33.45 15.02
CA GLU C 262 11.16 34.88 14.92
C GLU C 262 11.06 35.38 13.47
N ARG C 263 11.63 34.61 12.54
CA ARG C 263 11.69 35.05 11.18
C ARG C 263 10.38 34.74 10.50
N ALA C 264 9.79 33.57 10.73
CA ALA C 264 8.45 33.43 10.14
C ALA C 264 7.42 34.41 10.78
N GLY C 265 7.48 34.59 12.10
CA GLY C 265 6.62 35.58 12.77
C GLY C 265 6.72 36.92 12.07
N ALA C 266 7.95 37.35 11.79
CA ALA C 266 8.17 38.67 11.24
C ALA C 266 7.77 38.79 9.77
N ALA C 267 7.66 37.65 9.08
CA ALA C 267 7.25 37.62 7.69
C ALA C 267 5.76 37.51 7.58
N GLY C 268 5.04 37.72 8.67
CA GLY C 268 3.59 37.64 8.61
C GLY C 268 2.97 36.27 8.77
N VAL C 269 3.72 35.28 9.23
CA VAL C 269 3.23 33.91 9.22
C VAL C 269 2.70 33.64 10.61
N SER C 270 1.69 32.81 10.75
CA SER C 270 1.18 32.57 12.05
C SER C 270 2.04 31.49 12.63
N VAL C 271 2.65 31.76 13.80
CA VAL C 271 3.58 30.77 14.40
C VAL C 271 3.18 30.48 15.81
N GLU C 272 3.06 29.21 16.17
CA GLU C 272 2.90 28.83 17.53
C GLU C 272 4.06 27.85 17.85
N LEU C 273 4.75 28.08 18.97
CA LEU C 273 5.88 27.26 19.36
C LEU C 273 5.71 26.79 20.79
N LYS C 274 6.14 25.55 21.06
CA LYS C 274 6.21 25.01 22.40
C LYS C 274 7.51 24.25 22.68
N ILE C 275 8.21 24.62 23.74
CA ILE C 275 9.46 23.99 24.13
C ILE C 275 9.20 23.07 25.31
N TRP C 276 9.66 21.81 25.23
CA TRP C 276 9.21 20.84 26.22
C TRP C 276 10.34 20.57 27.13
N PRO C 277 10.12 20.74 28.44
CA PRO C 277 11.21 20.64 29.40
C PRO C 277 11.84 19.23 29.48
N ASP C 278 13.17 19.13 29.59
CA ASP C 278 13.90 17.83 29.64
C ASP C 278 13.61 16.88 28.47
N MET C 279 13.11 17.42 27.34
CA MET C 279 12.92 16.55 26.19
C MET C 279 14.10 16.64 25.25
N PRO C 280 14.52 15.48 24.68
CA PRO C 280 15.54 15.43 23.60
C PRO C 280 14.94 15.66 22.22
N HIS C 281 15.82 15.74 21.23
CA HIS C 281 15.52 15.98 19.82
C HIS C 281 14.44 15.02 19.28
N VAL C 282 13.47 15.55 18.54
CA VAL C 282 12.29 14.79 18.17
C VAL C 282 11.95 13.75 19.26
N PHE C 283 11.70 14.22 20.47
CA PHE C 283 11.31 13.31 21.55
C PHE C 283 10.07 12.49 21.28
N GLN C 284 9.23 12.94 20.34
CA GLN C 284 7.98 12.26 20.00
C GLN C 284 8.20 10.84 19.47
N MET C 285 9.46 10.45 19.25
CA MET C 285 9.79 9.08 18.82
C MET C 285 9.79 8.15 20.05
N TYR C 286 9.87 8.74 21.22
CA TYR C 286 10.26 8.02 22.41
C TYR C 286 9.18 7.69 23.45
N GLY C 287 7.90 7.70 23.03
CA GLY C 287 6.77 7.37 23.91
C GLY C 287 6.91 6.09 24.75
N LYS C 288 7.55 5.06 24.19
CA LYS C 288 7.92 3.85 24.92
C LYS C 288 8.58 4.24 26.25
N PHE C 289 9.47 5.25 26.19
CA PHE C 289 10.20 5.78 27.36
C PHE C 289 9.56 6.97 28.10
N VAL C 290 9.21 8.04 27.39
CA VAL C 290 8.76 9.26 28.04
C VAL C 290 7.35 9.69 27.75
N ASN C 291 6.66 10.08 28.81
CA ASN C 291 5.27 10.47 28.75
C ASN C 291 4.97 11.68 27.86
N ALA C 292 5.88 12.65 27.90
CA ALA C 292 5.73 13.89 27.17
C ALA C 292 5.42 13.65 25.66
N ALA C 293 6.00 12.58 25.11
CA ALA C 293 5.87 12.31 23.67
C ALA C 293 4.42 12.06 23.31
N ASP C 294 3.78 11.17 24.08
CA ASP C 294 2.35 10.90 23.91
C ASP C 294 1.61 12.24 23.95
N ILE C 295 1.89 13.03 25.01
CA ILE C 295 1.21 14.34 25.22
C ILE C 295 1.39 15.32 24.03
N SER C 296 2.60 15.39 23.45
CA SER C 296 2.84 16.32 22.37
C SER C 296 2.10 15.90 21.12
N ILE C 297 2.22 14.61 20.79
CA ILE C 297 1.56 14.03 19.62
C ILE C 297 0.07 14.29 19.74
N LYS C 298 -0.45 14.14 20.95
CA LYS C 298 -1.86 14.50 21.27
C LYS C 298 -2.21 15.99 20.99
N GLU C 299 -1.36 16.93 21.44
CA GLU C 299 -1.59 18.34 21.07
C GLU C 299 -1.43 18.63 19.60
N ILE C 300 -0.49 17.94 18.94
CA ILE C 300 -0.30 18.17 17.48
C ILE C 300 -1.54 17.72 16.76
N CYS C 301 -2.03 16.52 17.05
CA CYS C 301 -3.20 16.05 16.30
C CYS C 301 -4.42 16.92 16.60
N HIS C 302 -4.54 17.32 17.87
CA HIS C 302 -5.60 18.23 18.22
C HIS C 302 -5.50 19.51 17.41
N TRP C 303 -4.31 20.10 17.34
CA TRP C 303 -4.10 21.30 16.51
C TRP C 303 -4.40 21.09 14.99
N ILE C 304 -4.05 19.92 14.47
CA ILE C 304 -4.35 19.60 13.09
C ILE C 304 -5.85 19.60 12.89
N SER C 305 -6.55 18.86 13.76
CA SER C 305 -7.99 18.66 13.51
C SER C 305 -8.80 19.97 13.59
N ALA C 306 -8.28 20.95 14.30
CA ALA C 306 -8.86 22.31 14.34
C ALA C 306 -8.56 23.20 13.14
N ARG C 307 -7.43 23.00 12.43
CA ARG C 307 -7.16 23.84 11.27
C ARG C 307 -7.92 23.30 10.09
N ILE C 308 -8.31 22.03 10.13
CA ILE C 308 -9.08 21.51 9.01
C ILE C 308 -10.58 21.93 9.09
N SER C 309 -11.14 21.85 10.30
CA SER C 309 -12.54 22.23 10.58
C SER C 309 -13.11 23.34 9.68
N MET D 16 -12.01 46.55 11.55
CA MET D 16 -10.85 47.13 10.77
C MET D 16 -9.91 46.10 10.15
N ASP D 17 -9.48 46.35 8.91
CA ASP D 17 -8.46 45.51 8.29
C ASP D 17 -7.10 45.79 8.85
N PRO D 18 -6.52 44.78 9.53
CA PRO D 18 -5.32 44.97 10.30
C PRO D 18 -4.30 45.81 9.58
N ARG D 19 -4.26 45.73 8.25
CA ARG D 19 -3.29 46.58 7.53
C ARG D 19 -3.67 48.07 7.59
N ASP D 20 -4.97 48.34 7.73
CA ASP D 20 -5.42 49.73 7.90
C ASP D 20 -5.20 50.26 9.34
N PHE D 21 -5.36 49.37 10.34
CA PHE D 21 -4.96 49.74 11.70
C PHE D 21 -3.48 50.16 11.77
N LEU D 22 -2.63 49.46 11.02
CA LEU D 22 -1.22 49.68 11.10
C LEU D 22 -0.89 51.03 10.47
N GLN D 23 -1.69 51.39 9.47
CA GLN D 23 -1.55 52.63 8.73
C GLN D 23 -1.90 53.79 9.66
N LEU D 24 -3.10 53.70 10.27
CA LEU D 24 -3.55 54.55 11.37
C LEU D 24 -2.47 54.76 12.41
N LEU D 25 -1.83 53.69 12.82
CA LEU D 25 -0.77 53.81 13.82
C LEU D 25 0.48 54.50 13.27
N LYS D 26 0.74 54.37 11.97
CA LYS D 26 1.93 54.98 11.35
C LYS D 26 1.73 56.48 11.17
N ILE D 27 0.60 56.84 10.56
CA ILE D 27 0.18 58.23 10.43
C ILE D 27 0.22 58.92 11.80
N ASN D 28 -0.50 58.35 12.77
CA ASN D 28 -0.54 58.89 14.15
C ASN D 28 0.79 59.10 14.89
N ALA D 29 1.86 58.48 14.38
CA ALA D 29 3.20 58.57 14.99
C ALA D 29 4.14 59.46 14.17
N GLU D 30 3.99 59.38 12.84
CA GLU D 30 4.69 60.21 11.84
C GLU D 30 4.69 61.70 12.19
N LYS D 31 3.56 62.19 12.69
CA LYS D 31 3.42 63.60 13.00
C LYS D 31 3.52 63.94 14.50
N ALA D 32 3.15 62.99 15.35
CA ALA D 32 3.33 63.12 16.81
C ALA D 32 4.59 63.89 17.20
N GLU D 33 4.47 64.77 18.20
CA GLU D 33 5.59 65.67 18.58
C GLU D 33 6.68 65.02 19.43
N LYS D 34 7.92 65.12 18.93
CA LYS D 34 9.10 64.36 19.41
C LYS D 34 9.41 63.93 20.85
N ASN D 35 9.55 64.88 21.78
CA ASN D 35 9.46 64.56 23.22
C ASN D 35 9.19 65.75 24.13
N LEU D 36 7.92 65.86 24.50
CA LEU D 36 7.49 66.66 25.63
C LEU D 36 8.01 65.86 26.83
N PRO D 37 7.91 66.46 28.02
CA PRO D 37 8.45 65.87 29.26
C PRO D 37 7.69 64.60 29.63
N LEU D 38 8.02 64.04 30.79
CA LEU D 38 7.62 62.69 31.15
C LEU D 38 6.28 62.75 31.83
N ASP D 39 6.25 63.41 32.99
CA ASP D 39 5.05 63.53 33.84
C ASP D 39 3.91 64.24 33.10
N GLN D 40 4.27 64.87 31.97
CA GLN D 40 3.32 65.30 30.97
C GLN D 40 2.85 64.04 30.30
N LYS D 41 3.69 63.42 29.47
CA LYS D 41 3.32 62.19 28.75
C LYS D 41 2.54 61.18 29.61
N ARG D 42 2.88 61.04 30.89
CA ARG D 42 2.10 60.22 31.82
C ARG D 42 0.64 60.63 31.99
N ALA D 43 0.39 61.92 32.28
CA ALA D 43 -0.98 62.46 32.40
C ALA D 43 -1.71 62.45 31.04
N GLY D 44 -0.96 62.59 29.97
CA GLY D 44 -1.49 62.50 28.60
C GLY D 44 -1.77 61.07 28.16
N MET D 45 -1.26 60.11 28.94
CA MET D 45 -1.54 58.70 28.69
C MET D 45 -2.82 58.31 29.46
N GLU D 46 -2.93 58.77 30.71
CA GLU D 46 -4.11 58.48 31.54
C GLU D 46 -5.33 58.97 30.78
N ALA D 47 -5.18 60.14 30.18
CA ALA D 47 -6.24 60.84 29.45
C ALA D 47 -6.70 60.11 28.19
N LEU D 48 -5.81 59.91 27.21
CA LEU D 48 -6.12 59.15 26.00
C LEU D 48 -6.72 57.78 26.33
N CYS D 49 -6.10 57.03 27.25
CA CYS D 49 -6.52 55.65 27.53
C CYS D 49 -7.92 55.53 28.19
N GLU D 50 -8.48 56.64 28.69
CA GLU D 50 -9.88 56.68 29.19
C GLU D 50 -10.93 56.73 28.06
N ARG D 51 -10.53 57.24 26.88
CA ARG D 51 -11.26 57.07 25.61
C ARG D 51 -11.44 55.60 25.15
N PHE D 52 -11.08 54.65 26.01
CA PHE D 52 -11.13 53.23 25.66
C PHE D 52 -12.16 52.49 26.51
N PRO D 53 -12.96 51.62 25.87
CA PRO D 53 -14.06 50.92 26.54
C PRO D 53 -13.55 49.96 27.59
N ARG D 54 -14.39 49.68 28.57
CA ARG D 54 -14.08 48.67 29.57
C ARG D 54 -15.13 47.56 29.53
N ALA D 55 -14.73 46.31 29.68
CA ALA D 55 -15.67 45.22 29.60
C ALA D 55 -16.86 45.43 30.55
N GLU D 56 -18.07 45.15 30.06
CA GLU D 56 -19.29 45.30 30.86
C GLU D 56 -19.34 44.30 32.01
N GLY D 57 -19.78 44.80 33.17
CA GLY D 57 -20.11 43.92 34.27
C GLY D 57 -18.88 43.51 35.01
N VAL D 58 -17.76 44.15 34.71
CA VAL D 58 -16.61 44.00 35.61
C VAL D 58 -16.52 45.15 36.57
N GLU D 59 -16.41 44.77 37.84
CA GLU D 59 -16.39 45.72 38.94
C GLU D 59 -14.99 46.17 39.38
N LEU D 60 -14.80 47.48 39.50
CA LEU D 60 -13.48 48.01 39.89
C LEU D 60 -13.45 48.42 41.37
N THR D 61 -12.65 47.75 42.16
CA THR D 61 -12.54 48.09 43.56
C THR D 61 -11.11 48.61 43.74
N LEU D 62 -10.96 49.76 44.38
CA LEU D 62 -9.64 50.35 44.61
C LEU D 62 -9.22 49.83 45.94
N THR D 63 -8.00 49.36 46.07
CA THR D 63 -7.60 48.68 47.31
C THR D 63 -6.10 48.52 47.34
N ASP D 64 -5.59 47.67 48.20
CA ASP D 64 -4.17 47.45 48.23
C ASP D 64 -3.84 45.94 48.31
N LEU D 65 -2.65 45.57 47.86
CA LEU D 65 -2.12 44.27 48.20
C LEU D 65 -0.77 44.46 48.81
N GLY D 66 -0.59 43.98 50.02
CA GLY D 66 0.71 44.15 50.70
C GLY D 66 1.20 45.58 50.84
N GLY D 67 0.28 46.56 50.88
CA GLY D 67 0.64 47.97 50.96
C GLY D 67 0.68 48.68 49.61
N VAL D 68 0.72 47.90 48.54
CA VAL D 68 0.81 48.46 47.20
C VAL D 68 -0.59 48.68 46.66
N PRO D 69 -0.92 49.94 46.28
CA PRO D 69 -2.24 50.18 45.72
C PRO D 69 -2.46 49.29 44.52
N CYS D 70 -3.71 48.88 44.33
CA CYS D 70 -4.10 48.21 43.12
C CYS D 70 -5.56 48.46 42.79
N ILE D 71 -5.93 48.17 41.54
CA ILE D 71 -7.35 48.02 41.17
C ILE D 71 -7.75 46.54 40.97
N ARG D 72 -8.59 46.00 41.87
CA ARG D 72 -9.14 44.65 41.75
C ARG D 72 -10.37 44.65 40.88
N GLN D 73 -10.43 43.70 39.95
CA GLN D 73 -11.49 43.66 38.93
C GLN D 73 -12.09 42.24 38.88
N ALA D 74 -13.43 42.13 38.80
CA ALA D 74 -14.14 40.83 38.82
C ALA D 74 -15.59 41.07 38.43
N THR D 75 -16.22 40.09 37.75
CA THR D 75 -17.68 40.08 37.48
C THR D 75 -18.33 39.34 38.63
N ASP D 76 -19.66 39.48 38.80
CA ASP D 76 -20.38 38.71 39.84
C ASP D 76 -20.18 37.26 39.47
N GLY D 77 -19.81 36.43 40.44
CA GLY D 77 -19.50 35.02 40.12
C GLY D 77 -18.17 34.81 39.37
N ALA D 78 -17.11 35.38 39.92
CA ALA D 78 -15.78 35.02 39.55
C ALA D 78 -15.60 33.65 40.16
N GLY D 79 -14.79 32.82 39.52
CA GLY D 79 -14.31 31.57 40.14
C GLY D 79 -13.36 31.88 41.28
N ALA D 80 -12.56 30.91 41.66
CA ALA D 80 -11.73 31.04 42.87
C ALA D 80 -10.26 31.36 42.57
N ALA D 81 -9.98 31.73 41.32
CA ALA D 81 -8.60 31.99 40.89
C ALA D 81 -8.22 33.51 40.78
N HIS D 82 -6.94 33.81 41.01
CA HIS D 82 -6.48 35.19 40.96
C HIS D 82 -5.45 35.49 39.89
N ILE D 83 -5.69 36.51 39.09
CA ILE D 83 -4.64 37.07 38.26
C ILE D 83 -4.02 38.33 38.92
N LEU D 84 -2.73 38.28 39.19
CA LEU D 84 -1.95 39.45 39.58
C LEU D 84 -1.32 40.02 38.32
N TYR D 85 -1.70 41.26 38.02
CA TYR D 85 -1.40 41.90 36.76
C TYR D 85 -0.47 43.12 36.91
N PHE D 86 0.47 43.27 35.97
CA PHE D 86 1.45 44.35 35.96
C PHE D 86 1.34 45.05 34.64
N HIS D 87 0.77 46.25 34.63
CA HIS D 87 0.63 47.02 33.39
C HIS D 87 1.97 47.36 32.68
N GLY D 88 1.89 47.68 31.40
CA GLY D 88 3.02 48.18 30.67
C GLY D 88 3.26 49.66 30.79
N GLY D 89 4.29 50.10 30.08
CA GLY D 89 4.68 51.50 30.03
C GLY D 89 6.20 51.68 30.18
N GLY D 90 7.00 50.68 29.78
CA GLY D 90 8.45 50.81 29.81
C GLY D 90 9.06 51.14 31.16
N TYR D 91 8.34 50.87 32.24
CA TYR D 91 8.93 51.01 33.57
C TYR D 91 8.86 52.42 34.16
N ILE D 92 8.38 53.34 33.33
CA ILE D 92 8.41 54.76 33.56
C ILE D 92 7.01 55.39 33.35
N SER D 93 6.01 54.59 32.90
CA SER D 93 4.63 55.11 32.64
C SER D 93 3.50 54.07 32.80
N GLY D 94 2.28 54.45 32.44
CA GLY D 94 1.09 53.61 32.62
C GLY D 94 0.68 53.42 34.07
N SER D 95 -0.49 52.84 34.28
CA SER D 95 -1.04 52.55 35.64
C SER D 95 -2.16 51.51 35.55
N PRO D 96 -2.61 50.98 36.71
CA PRO D 96 -3.83 50.18 36.66
C PRO D 96 -4.95 50.83 35.83
N SER D 97 -5.16 52.14 36.02
CA SER D 97 -6.14 52.83 35.17
C SER D 97 -5.88 52.68 33.68
N THR D 98 -4.67 52.98 33.23
CA THR D 98 -4.39 53.03 31.76
C THR D 98 -4.68 51.70 31.07
N HIS D 99 -4.56 50.61 31.81
CA HIS D 99 -4.63 49.29 31.20
C HIS D 99 -5.94 48.56 31.36
N LEU D 100 -6.91 49.32 31.85
CA LEU D 100 -8.26 48.88 32.03
C LEU D 100 -8.89 48.22 30.82
N VAL D 101 -8.68 48.78 29.61
CA VAL D 101 -9.17 48.11 28.40
C VAL D 101 -8.80 46.63 28.46
N LEU D 102 -7.55 46.36 28.77
CA LEU D 102 -7.01 45.02 28.63
C LEU D 102 -7.37 44.17 29.85
N THR D 103 -7.15 44.72 31.04
CA THR D 103 -7.34 43.90 32.23
C THR D 103 -8.83 43.53 32.49
N THR D 104 -9.75 44.44 32.17
CA THR D 104 -11.16 44.15 32.44
C THR D 104 -11.59 43.02 31.51
N GLN D 105 -11.19 43.12 30.26
CA GLN D 105 -11.27 41.98 29.32
C GLN D 105 -10.72 40.67 29.87
N LEU D 106 -9.48 40.65 30.35
CA LEU D 106 -8.99 39.45 31.03
C LEU D 106 -9.84 38.94 32.23
N ALA D 107 -10.23 39.80 33.17
CA ALA D 107 -11.04 39.35 34.31
C ALA D 107 -12.38 38.82 33.81
N LYS D 108 -12.94 39.45 32.78
CA LYS D 108 -14.18 38.98 32.25
C LYS D 108 -14.07 37.55 31.65
N GLN D 109 -13.33 37.41 30.55
CA GLN D 109 -13.26 36.16 29.80
C GLN D 109 -12.53 35.08 30.58
N SER D 110 -11.98 35.41 31.76
CA SER D 110 -11.37 34.39 32.61
C SER D 110 -12.20 33.99 33.81
N SER D 111 -13.15 34.85 34.18
CA SER D 111 -13.84 34.71 35.48
C SER D 111 -12.87 34.50 36.67
N ALA D 112 -11.75 35.23 36.71
CA ALA D 112 -10.85 35.23 37.87
C ALA D 112 -10.89 36.63 38.47
N THR D 113 -10.42 36.76 39.71
CA THR D 113 -10.25 38.09 40.28
C THR D 113 -8.91 38.61 39.81
N LEU D 114 -8.91 39.72 39.08
CA LEU D 114 -7.67 40.26 38.58
C LEU D 114 -7.23 41.44 39.44
N TRP D 115 -6.02 41.36 40.01
CA TRP D 115 -5.48 42.46 40.80
C TRP D 115 -4.39 43.20 40.07
N SER D 116 -4.69 44.41 39.60
CA SER D 116 -3.79 45.20 38.76
C SER D 116 -2.90 46.09 39.64
N LEU D 117 -1.60 45.94 39.56
CA LEU D 117 -0.77 46.56 40.53
C LEU D 117 -0.21 47.92 40.04
N ASP D 118 -0.19 48.86 40.97
CA ASP D 118 0.33 50.21 40.77
C ASP D 118 1.71 50.15 41.39
N TYR D 119 2.62 49.43 40.77
CA TYR D 119 4.00 49.40 41.19
C TYR D 119 4.64 50.82 40.91
N ARG D 120 5.73 51.12 41.62
CA ARG D 120 6.39 52.41 41.50
C ARG D 120 7.04 52.61 40.15
N LEU D 121 7.01 53.84 39.69
CA LEU D 121 7.60 54.14 38.42
C LEU D 121 9.04 54.72 38.54
N ALA D 122 9.89 54.32 37.59
CA ALA D 122 11.17 54.94 37.31
C ALA D 122 10.84 56.16 36.47
N PRO D 123 11.73 57.19 36.43
CA PRO D 123 13.04 57.21 37.09
C PRO D 123 12.99 57.71 38.50
N GLU D 124 11.86 58.32 38.90
CA GLU D 124 11.84 58.88 40.25
C GLU D 124 11.84 57.88 41.38
N ASN D 125 11.42 56.64 41.14
CA ASN D 125 11.61 55.53 42.08
C ASN D 125 12.52 54.49 41.42
N PRO D 126 13.83 54.48 41.71
CA PRO D 126 14.74 53.62 40.92
C PRO D 126 14.56 52.14 41.24
N PHE D 127 15.06 51.28 40.35
CA PHE D 127 15.13 49.82 40.60
C PHE D 127 15.83 49.60 41.97
N PRO D 128 15.36 48.65 42.84
CA PRO D 128 14.36 47.60 42.66
C PRO D 128 12.93 47.99 43.06
N ALA D 129 12.63 49.27 43.15
CA ALA D 129 11.30 49.61 43.68
C ALA D 129 10.15 48.77 43.08
N ALA D 130 10.14 48.57 41.76
CA ALA D 130 8.97 47.95 41.10
C ALA D 130 8.97 46.47 41.31
N VAL D 131 10.14 45.86 41.23
CA VAL D 131 10.28 44.48 41.59
C VAL D 131 9.90 44.23 43.03
N ASP D 132 10.15 45.20 43.93
CA ASP D 132 9.86 45.00 45.35
C ASP D 132 8.37 45.00 45.54
N ASP D 133 7.72 45.96 44.89
CA ASP D 133 6.30 46.14 45.03
C ASP D 133 5.60 44.89 44.49
N CYS D 134 6.04 44.39 43.33
CA CYS D 134 5.44 43.20 42.72
C CYS D 134 5.63 42.01 43.67
N VAL D 135 6.82 41.82 44.25
CA VAL D 135 7.04 40.69 45.20
C VAL D 135 6.20 40.82 46.47
N ALA D 136 6.28 41.98 47.10
CA ALA D 136 5.42 42.26 48.24
C ALA D 136 3.93 42.01 47.89
N ALA D 137 3.49 42.42 46.71
CA ALA D 137 2.09 42.12 46.33
C ALA D 137 1.80 40.62 46.20
N TYR D 138 2.71 39.86 45.59
CA TYR D 138 2.52 38.40 45.47
C TYR D 138 2.51 37.73 46.83
N ARG D 139 3.37 38.22 47.75
CA ARG D 139 3.39 37.65 49.11
C ARG D 139 1.97 37.80 49.72
N ALA D 140 1.49 39.03 49.78
CA ALA D 140 0.14 39.31 50.27
C ALA D 140 -0.88 38.47 49.54
N LEU D 141 -0.82 38.47 48.21
CA LEU D 141 -1.80 37.70 47.43
C LEU D 141 -1.87 36.17 47.75
N LEU D 142 -0.74 35.60 48.15
CA LEU D 142 -0.64 34.23 48.61
C LEU D 142 -1.41 33.96 49.90
N LYS D 143 -1.52 34.94 50.79
CA LYS D 143 -2.28 34.76 52.02
C LYS D 143 -3.75 34.74 51.67
N THR D 144 -4.15 35.65 50.79
CA THR D 144 -5.53 35.86 50.40
C THR D 144 -6.07 34.74 49.56
N ALA D 145 -5.24 34.23 48.66
CA ALA D 145 -5.62 33.15 47.77
C ALA D 145 -5.76 31.87 48.52
N GLY D 146 -4.87 31.66 49.49
CA GLY D 146 -4.80 30.39 50.18
C GLY D 146 -3.70 29.49 49.62
N SER D 147 -3.43 29.57 48.31
CA SER D 147 -2.26 28.88 47.73
C SER D 147 -1.72 29.48 46.43
N ALA D 148 -0.43 29.23 46.21
CA ALA D 148 0.24 29.51 44.93
C ALA D 148 -0.49 28.96 43.71
N ASP D 149 -1.18 27.83 43.89
CA ASP D 149 -1.82 27.12 42.77
C ASP D 149 -3.08 27.76 42.28
N ARG D 150 -3.60 28.76 43.01
CA ARG D 150 -4.70 29.61 42.48
C ARG D 150 -4.25 30.92 41.78
N ILE D 151 -2.92 31.13 41.72
CA ILE D 151 -2.42 32.41 41.19
C ILE D 151 -1.77 32.36 39.79
N ILE D 152 -2.24 33.24 38.90
CA ILE D 152 -1.52 33.53 37.66
C ILE D 152 -0.89 34.94 37.75
N ILE D 153 0.38 35.05 37.34
CA ILE D 153 1.00 36.34 37.14
C ILE D 153 0.93 36.72 35.68
N ALA D 154 0.58 37.96 35.39
CA ALA D 154 0.46 38.41 34.01
C ALA D 154 0.92 39.83 33.79
N GLY D 155 1.39 40.13 32.60
CA GLY D 155 1.67 41.51 32.29
C GLY D 155 2.12 41.71 30.86
N ASP D 156 2.06 42.97 30.42
CA ASP D 156 2.41 43.43 29.05
C ASP D 156 3.64 44.36 29.02
N SER D 157 4.39 44.38 27.91
CA SER D 157 5.52 45.31 27.66
C SER D 157 6.35 45.21 28.91
N ALA D 158 6.68 46.31 29.58
CA ALA D 158 7.48 46.18 30.84
C ALA D 158 6.90 45.25 31.95
N GLY D 159 5.58 45.17 32.00
CA GLY D 159 4.90 44.33 32.97
C GLY D 159 5.14 42.85 32.68
N GLY D 160 5.35 42.51 31.40
CA GLY D 160 5.76 41.15 31.04
C GLY D 160 7.16 40.86 31.58
N GLY D 161 8.06 41.84 31.46
CA GLY D 161 9.38 41.82 32.17
C GLY D 161 9.25 41.63 33.69
N LEU D 162 8.42 42.44 34.33
CA LEU D 162 8.18 42.25 35.79
C LEU D 162 7.51 40.90 36.15
N THR D 163 6.69 40.33 35.25
CA THR D 163 6.11 39.04 35.61
C THR D 163 7.17 38.00 35.89
N THR D 164 8.22 38.02 35.06
CA THR D 164 9.36 37.12 35.21
C THR D 164 10.33 37.66 36.25
N ALA D 165 10.70 38.97 36.17
CA ALA D 165 11.66 39.55 37.17
C ALA D 165 11.20 39.27 38.59
N SER D 166 9.98 39.68 38.89
CA SER D 166 9.43 39.54 40.28
C SER D 166 9.43 38.12 40.77
N MET D 167 9.08 37.20 39.87
CA MET D 167 9.10 35.80 40.23
C MET D 167 10.52 35.29 40.43
N LEU D 168 11.47 35.69 39.61
CA LEU D 168 12.83 35.30 39.95
C LEU D 168 13.19 35.66 41.39
N LYS D 169 12.76 36.86 41.79
CA LYS D 169 13.15 37.40 43.09
C LYS D 169 12.36 36.65 44.17
N ALA D 170 11.05 36.50 43.95
CA ALA D 170 10.23 35.70 44.85
C ALA D 170 10.94 34.38 45.19
N LYS D 171 11.43 33.71 44.15
CA LYS D 171 12.03 32.38 44.26
C LYS D 171 13.25 32.41 45.20
N GLU D 172 14.16 33.35 44.99
CA GLU D 172 15.29 33.52 45.89
C GLU D 172 14.82 33.59 47.32
N ASP D 173 13.80 34.40 47.56
CA ASP D 173 13.24 34.63 48.90
C ASP D 173 12.42 33.42 49.39
N GLY D 174 12.47 32.35 48.61
CA GLY D 174 11.87 31.10 49.01
C GLY D 174 10.36 31.11 49.08
N LEU D 175 9.70 31.90 48.24
CA LEU D 175 8.26 31.84 48.06
C LEU D 175 7.87 30.76 47.02
N PRO D 176 6.65 30.20 47.11
CA PRO D 176 6.25 29.21 46.12
C PRO D 176 5.90 29.86 44.78
N MET D 177 6.24 29.16 43.70
CA MET D 177 5.96 29.56 42.34
C MET D 177 4.49 29.39 42.12
N PRO D 178 3.90 30.29 41.33
CA PRO D 178 2.48 30.38 41.10
C PRO D 178 2.17 29.49 39.93
N ALA D 179 0.92 29.51 39.45
CA ALA D 179 0.44 28.54 38.47
C ALA D 179 0.97 28.68 37.04
N GLY D 180 1.29 29.92 36.64
CA GLY D 180 1.56 30.27 35.26
C GLY D 180 1.98 31.74 35.16
N LEU D 181 2.92 31.99 34.24
CA LEU D 181 3.28 33.33 33.88
C LEU D 181 2.69 33.64 32.49
N VAL D 182 1.90 34.71 32.38
CA VAL D 182 1.39 35.17 31.11
C VAL D 182 2.08 36.48 30.75
N MET D 183 2.70 36.57 29.58
CA MET D 183 3.43 37.78 29.17
C MET D 183 3.03 38.26 27.78
N LEU D 184 2.66 39.54 27.64
CA LEU D 184 2.19 40.06 26.37
C LEU D 184 3.18 41.07 25.84
N SER D 185 3.96 40.68 24.80
CA SER D 185 5.00 41.58 24.19
C SER D 185 5.98 42.04 25.26
N PRO D 186 6.46 41.07 26.07
CA PRO D 186 7.25 41.38 27.27
C PRO D 186 8.52 42.11 26.92
N PHE D 187 8.91 43.06 27.75
CA PHE D 187 10.10 43.88 27.55
C PHE D 187 11.17 43.29 28.49
N VAL D 188 12.08 42.47 27.96
CA VAL D 188 12.98 41.69 28.83
C VAL D 188 14.47 41.83 28.50
N ASP D 189 14.78 42.69 27.54
CA ASP D 189 16.15 42.94 27.18
C ASP D 189 16.42 44.42 26.97
N LEU D 190 16.97 45.07 28.00
CA LEU D 190 17.20 46.52 27.95
C LEU D 190 18.49 46.97 27.18
N THR D 191 19.18 45.99 26.58
CA THR D 191 20.30 46.29 25.68
C THR D 191 19.76 46.64 24.29
N LEU D 192 18.51 46.31 24.01
CA LEU D 192 17.91 46.73 22.75
C LEU D 192 18.90 46.46 21.64
N SER D 193 19.31 45.21 21.47
CA SER D 193 20.37 44.92 20.52
C SER D 193 20.11 43.67 19.63
N ARG D 194 18.96 43.05 19.77
CA ARG D 194 18.76 41.77 19.08
C ARG D 194 18.14 42.02 17.72
N TRP D 195 17.73 40.98 17.04
CA TRP D 195 17.37 41.06 15.63
C TRP D 195 16.24 42.02 15.25
N SER D 196 15.18 42.03 16.03
CA SER D 196 13.96 42.74 15.72
C SER D 196 14.18 44.22 15.97
N ASN D 197 15.02 44.55 16.96
CA ASN D 197 15.28 45.94 17.30
C ASN D 197 15.75 46.79 16.11
N SER D 198 16.62 46.23 15.25
CA SER D 198 17.07 46.86 13.98
C SER D 198 16.10 46.57 12.86
N ASN D 199 15.64 45.33 12.79
CA ASN D 199 14.95 44.88 11.58
C ASN D 199 13.47 45.22 11.48
N LEU D 200 12.78 45.38 12.62
CA LEU D 200 11.38 45.78 12.56
C LEU D 200 11.14 47.23 13.00
N ALA D 201 12.20 48.01 13.20
CA ALA D 201 12.04 49.38 13.73
C ALA D 201 11.24 50.31 12.81
N ASP D 202 11.24 50.06 11.52
CA ASP D 202 10.45 50.84 10.61
C ASP D 202 8.98 50.45 10.66
N ARG D 203 8.70 49.29 11.23
CA ARG D 203 7.33 48.70 11.22
C ARG D 203 6.53 48.82 12.54
N ASP D 204 7.23 49.20 13.62
CA ASP D 204 6.65 49.38 14.95
C ASP D 204 6.39 50.86 15.22
N PHE D 205 5.13 51.22 15.34
CA PHE D 205 4.76 52.63 15.49
C PHE D 205 4.47 53.04 16.94
N LEU D 206 4.39 52.03 17.81
CA LEU D 206 4.15 52.20 19.23
C LEU D 206 5.46 52.30 20.00
N ALA D 207 6.32 51.32 19.77
CA ALA D 207 7.53 51.21 20.55
C ALA D 207 8.74 51.61 19.70
N GLU D 208 8.84 52.90 19.37
CA GLU D 208 9.91 53.36 18.50
C GLU D 208 11.26 53.53 19.19
N PRO D 209 12.32 53.54 18.36
CA PRO D 209 13.70 53.45 18.79
C PRO D 209 14.04 54.43 19.91
N ASP D 210 13.57 55.67 19.83
CA ASP D 210 13.96 56.68 20.81
C ASP D 210 13.19 56.43 22.13
N THR D 211 11.94 56.01 21.98
CA THR D 211 11.13 55.70 23.13
C THR D 211 11.68 54.49 23.91
N LEU D 212 12.00 53.38 23.24
CA LEU D 212 12.74 52.29 23.92
C LEU D 212 14.14 52.69 24.43
N GLY D 213 14.87 53.51 23.66
CA GLY D 213 16.14 54.11 24.15
C GLY D 213 15.90 54.86 25.45
N GLU D 214 14.95 55.80 25.43
CA GLU D 214 14.58 56.56 26.64
C GLU D 214 14.13 55.64 27.80
N MET D 215 13.20 54.69 27.57
CA MET D 215 12.77 53.88 28.73
C MET D 215 13.84 52.98 29.30
N SER D 216 14.75 52.44 28.48
CA SER D 216 15.84 51.63 29.02
C SER D 216 16.86 52.47 29.78
N GLU D 217 17.26 53.61 29.20
CA GLU D 217 18.03 54.64 29.93
C GLU D 217 17.43 54.96 31.29
N LEU D 218 16.15 55.39 31.32
CA LEU D 218 15.54 55.80 32.60
C LEU D 218 15.40 54.67 33.64
N TYR D 219 14.96 53.50 33.22
CA TYR D 219 14.77 52.42 34.17
C TYR D 219 16.13 51.84 34.63
N VAL D 220 17.07 51.64 33.72
CA VAL D 220 18.35 51.07 34.10
C VAL D 220 19.08 52.06 34.97
N GLY D 221 19.25 53.29 34.42
CA GLY D 221 19.96 54.38 35.11
C GLY D 221 21.36 53.99 35.65
N GLY D 222 21.57 54.05 36.96
CA GLY D 222 22.84 53.61 37.56
C GLY D 222 23.27 52.16 37.38
N GLU D 223 22.32 51.29 37.03
CA GLU D 223 22.55 49.85 37.15
C GLU D 223 23.22 49.24 35.91
N ASP D 224 23.51 47.96 35.97
CA ASP D 224 23.97 47.18 34.83
C ASP D 224 22.77 46.80 33.93
N ARG D 225 22.85 47.08 32.62
CA ARG D 225 21.79 46.69 31.66
C ARG D 225 21.42 45.18 31.69
N LYS D 226 22.40 44.31 31.92
CA LYS D 226 22.19 42.84 31.89
C LYS D 226 21.90 42.18 33.25
N ASN D 227 21.64 43.01 34.27
CA ASN D 227 21.09 42.55 35.53
C ASN D 227 19.88 41.60 35.34
N PRO D 228 19.96 40.40 35.90
CA PRO D 228 18.93 39.43 35.65
C PRO D 228 17.57 39.97 36.06
N LEU D 229 17.55 40.82 37.08
CA LEU D 229 16.27 41.34 37.49
C LEU D 229 15.76 42.46 36.59
N ILE D 230 16.60 43.04 35.75
CA ILE D 230 16.24 44.12 34.86
C ILE D 230 16.01 43.59 33.45
N SER D 231 16.94 42.78 32.95
CA SER D 231 16.74 42.14 31.65
C SER D 231 16.69 40.62 31.86
N PRO D 232 15.50 40.06 32.16
CA PRO D 232 15.45 38.64 32.53
C PRO D 232 16.03 37.60 31.51
N VAL D 233 16.02 37.96 30.24
CA VAL D 233 16.78 37.31 29.18
C VAL D 233 18.23 36.85 29.65
N TYR D 234 18.87 37.64 30.53
CA TYR D 234 20.14 37.25 31.11
C TYR D 234 20.03 36.42 32.38
N ALA D 235 18.82 36.09 32.81
CA ALA D 235 18.73 35.50 34.15
C ALA D 235 19.00 34.01 34.11
N ASP D 236 19.23 33.41 35.25
CA ASP D 236 19.17 32.00 35.42
C ASP D 236 17.68 31.73 35.64
N LEU D 237 17.01 31.18 34.62
CA LEU D 237 15.53 31.08 34.59
C LEU D 237 15.02 29.76 35.14
N SER D 238 15.93 28.85 35.49
CA SER D 238 15.50 27.49 35.90
C SER D 238 14.57 27.58 37.08
N GLY D 239 13.52 26.75 37.13
CA GLY D 239 12.59 26.73 38.29
C GLY D 239 11.30 27.52 38.12
N LEU D 240 11.24 28.40 37.11
CA LEU D 240 9.99 29.20 36.90
C LEU D 240 8.82 28.32 36.49
N PRO D 241 7.58 28.68 36.87
CA PRO D 241 6.45 27.97 36.31
C PRO D 241 6.25 28.30 34.82
N GLU D 242 5.17 27.78 34.25
CA GLU D 242 4.95 27.79 32.82
C GLU D 242 4.63 29.15 32.29
N MET D 243 5.07 29.35 31.06
CA MET D 243 4.99 30.64 30.45
C MET D 243 4.13 30.49 29.24
N LEU D 244 3.19 31.41 29.06
CA LEU D 244 2.53 31.69 27.80
C LEU D 244 2.91 33.08 27.39
N ILE D 245 3.42 33.21 26.17
CA ILE D 245 3.86 34.48 25.61
C ILE D 245 3.16 34.73 24.29
N HIS D 246 2.36 35.79 24.22
CA HIS D 246 1.79 36.25 22.95
C HIS D 246 2.54 37.51 22.57
N VAL D 247 2.71 37.76 21.28
CA VAL D 247 3.44 38.94 20.71
C VAL D 247 2.95 39.17 19.30
N GLY D 248 2.95 40.42 18.83
CA GLY D 248 2.65 40.69 17.44
C GLY D 248 3.86 40.53 16.52
N SER D 249 3.56 40.29 15.25
CA SER D 249 4.55 40.42 14.19
C SER D 249 5.12 41.80 14.04
N GLU D 250 4.32 42.85 14.26
CA GLU D 250 4.89 44.21 14.03
C GLU D 250 5.70 44.77 15.21
N GLU D 251 6.61 43.99 15.77
CA GLU D 251 7.20 44.37 17.03
C GLU D 251 8.65 44.56 17.00
N ALA D 252 9.06 45.76 17.37
CA ALA D 252 10.49 45.98 17.53
C ALA D 252 11.00 45.06 18.65
N LEU D 253 10.15 44.69 19.58
CA LEU D 253 10.51 43.79 20.69
C LEU D 253 10.16 42.30 20.42
N LEU D 254 9.89 41.96 19.15
CA LEU D 254 9.61 40.56 18.79
C LEU D 254 10.70 39.62 19.30
N SER D 255 11.96 39.94 19.07
CA SER D 255 13.07 39.09 19.54
C SER D 255 13.17 38.93 21.08
N ASP D 256 12.63 39.87 21.85
CA ASP D 256 12.64 39.71 23.31
C ASP D 256 11.77 38.51 23.64
N SER D 257 10.73 38.36 22.85
CA SER D 257 9.84 37.27 23.06
C SER D 257 10.47 35.90 22.66
N THR D 258 11.20 35.83 21.52
CA THR D 258 11.77 34.52 21.06
C THR D 258 13.06 34.18 21.83
N THR D 259 13.75 35.19 22.32
CA THR D 259 14.90 34.98 23.15
C THR D 259 14.46 34.57 24.53
N LEU D 260 13.38 35.19 25.04
CA LEU D 260 12.87 34.75 26.36
C LEU D 260 12.51 33.24 26.25
N ALA D 261 11.82 32.88 25.17
CA ALA D 261 11.49 31.49 24.86
C ALA D 261 12.75 30.62 24.80
N GLU D 262 13.70 31.02 23.95
CA GLU D 262 14.94 30.31 23.86
C GLU D 262 15.58 30.01 25.24
N ARG D 263 15.76 31.05 26.07
CA ARG D 263 16.53 30.95 27.28
C ARG D 263 15.71 30.30 28.39
N ALA D 264 14.41 30.57 28.44
CA ALA D 264 13.55 29.99 29.44
C ALA D 264 13.40 28.51 29.15
N GLY D 265 13.17 28.16 27.87
CA GLY D 265 13.10 26.74 27.43
C GLY D 265 14.40 26.00 27.77
N ALA D 266 15.55 26.60 27.43
CA ALA D 266 16.83 26.06 27.78
C ALA D 266 16.94 25.78 29.30
N ALA D 267 16.42 26.68 30.14
CA ALA D 267 16.42 26.50 31.61
C ALA D 267 15.38 25.47 32.10
N GLY D 268 14.64 24.91 31.17
CA GLY D 268 13.73 23.85 31.57
C GLY D 268 12.39 24.34 31.93
N VAL D 269 12.03 25.55 31.48
CA VAL D 269 10.73 26.08 31.72
C VAL D 269 9.77 25.66 30.62
N SER D 270 8.54 25.25 30.97
CA SER D 270 7.55 25.10 29.94
C SER D 270 7.23 26.44 29.32
N VAL D 271 7.46 26.59 28.02
CA VAL D 271 7.08 27.82 27.28
C VAL D 271 6.15 27.57 26.10
N GLU D 272 5.11 28.41 25.94
CA GLU D 272 4.33 28.48 24.67
C GLU D 272 4.24 29.89 24.11
N LEU D 273 4.66 30.05 22.87
CA LEU D 273 4.82 31.34 22.26
C LEU D 273 3.89 31.35 21.04
N LYS D 274 3.07 32.40 20.92
CA LYS D 274 2.27 32.54 19.74
C LYS D 274 2.51 33.92 19.14
N ILE D 275 2.91 33.97 17.88
CA ILE D 275 3.14 35.25 17.18
C ILE D 275 1.99 35.48 16.20
N TRP D 276 1.47 36.71 16.21
CA TRP D 276 0.17 37.07 15.66
C TRP D 276 0.38 37.98 14.48
N PRO D 277 0.19 37.46 13.29
CA PRO D 277 0.47 38.25 12.09
C PRO D 277 -0.26 39.57 12.02
N ASP D 278 0.51 40.61 11.70
CA ASP D 278 -0.01 41.96 11.45
C ASP D 278 -0.41 42.76 12.72
N MET D 279 -0.25 42.12 13.88
CA MET D 279 -0.48 42.76 15.17
C MET D 279 0.68 43.63 15.69
N PRO D 280 0.35 44.84 16.19
CA PRO D 280 1.35 45.69 16.80
C PRO D 280 1.67 45.32 18.27
N HIS D 281 2.64 46.03 18.83
CA HIS D 281 2.99 46.01 20.27
C HIS D 281 1.77 46.04 21.21
N VAL D 282 1.69 45.03 22.08
CA VAL D 282 0.58 44.88 23.03
C VAL D 282 -0.79 45.07 22.34
N PHE D 283 -1.00 44.33 21.25
CA PHE D 283 -2.23 44.38 20.51
C PHE D 283 -3.47 44.07 21.33
N GLN D 284 -3.34 43.52 22.52
CA GLN D 284 -4.56 43.19 23.24
C GLN D 284 -5.26 44.46 23.76
N MET D 285 -4.65 45.64 23.60
CA MET D 285 -5.26 46.96 23.95
C MET D 285 -6.27 47.41 22.90
N TYR D 286 -6.24 46.83 21.69
CA TYR D 286 -7.01 47.37 20.56
C TYR D 286 -8.15 46.49 20.01
N GLY D 287 -8.76 45.68 20.89
CA GLY D 287 -9.95 44.88 20.54
C GLY D 287 -11.12 45.67 19.96
N LYS D 288 -11.13 46.97 20.23
CA LYS D 288 -12.06 47.90 19.60
C LYS D 288 -11.82 47.97 18.09
N PHE D 289 -10.56 47.79 17.68
CA PHE D 289 -10.11 48.04 16.31
C PHE D 289 -9.83 46.79 15.50
N VAL D 290 -9.46 45.70 16.16
CA VAL D 290 -8.95 44.52 15.45
C VAL D 290 -9.35 43.30 16.21
N ASN D 291 -9.97 42.33 15.54
CA ASN D 291 -10.52 41.21 16.32
C ASN D 291 -9.47 40.24 16.86
N ALA D 292 -8.24 40.34 16.37
CA ALA D 292 -7.17 39.48 16.87
C ALA D 292 -7.03 39.66 18.36
N ALA D 293 -7.37 40.86 18.86
CA ALA D 293 -7.23 41.12 20.29
C ALA D 293 -8.11 40.25 21.16
N ASP D 294 -9.37 40.06 20.79
CA ASP D 294 -10.29 39.18 21.51
C ASP D 294 -9.86 37.71 21.43
N ILE D 295 -9.36 37.29 20.26
CA ILE D 295 -8.94 35.89 20.02
C ILE D 295 -7.76 35.58 20.95
N SER D 296 -6.76 36.47 20.96
CA SER D 296 -5.68 36.33 21.90
C SER D 296 -6.15 36.27 23.37
N ILE D 297 -7.01 37.19 23.77
CA ILE D 297 -7.44 37.18 25.16
C ILE D 297 -8.17 35.87 25.54
N LYS D 298 -9.06 35.44 24.65
CA LYS D 298 -9.80 34.16 24.81
C LYS D 298 -8.83 32.98 25.09
N GLU D 299 -7.83 32.87 24.21
CA GLU D 299 -6.84 31.79 24.28
C GLU D 299 -6.04 31.88 25.56
N ILE D 300 -5.61 33.10 25.89
CA ILE D 300 -4.96 33.37 27.15
C ILE D 300 -5.86 32.88 28.26
N CYS D 301 -7.16 33.12 28.16
CA CYS D 301 -8.09 32.67 29.22
C CYS D 301 -8.26 31.16 29.33
N HIS D 302 -8.32 30.44 28.20
CA HIS D 302 -8.44 28.98 28.28
C HIS D 302 -7.15 28.39 28.83
N TRP D 303 -6.05 29.03 28.47
CA TRP D 303 -4.78 28.59 28.98
C TRP D 303 -4.78 28.83 30.47
N ILE D 304 -5.32 29.98 30.89
CA ILE D 304 -5.39 30.32 32.32
C ILE D 304 -6.22 29.31 33.05
N SER D 305 -7.39 28.99 32.53
CA SER D 305 -8.24 28.00 33.24
C SER D 305 -7.68 26.57 33.19
N ALA D 306 -7.08 26.19 32.08
CA ALA D 306 -6.41 24.91 32.05
C ALA D 306 -5.36 24.79 33.15
N ARG D 307 -4.65 25.88 33.45
CA ARG D 307 -3.59 25.88 34.45
C ARG D 307 -4.10 25.79 35.89
N ILE D 308 -5.37 26.14 36.09
CA ILE D 308 -5.87 26.40 37.43
C ILE D 308 -6.76 25.28 38.01
S SO4 E . -30.26 -24.56 -34.85
O1 SO4 E . -29.80 -25.23 -33.66
O2 SO4 E . -29.11 -23.84 -35.44
O3 SO4 E . -30.83 -25.62 -35.69
O4 SO4 E . -31.32 -23.58 -34.63
S SO4 F . 4.42 -45.36 -21.68
O1 SO4 F . 3.36 -45.54 -20.69
O2 SO4 F . 5.66 -45.00 -20.97
O3 SO4 F . 4.53 -46.56 -22.54
O4 SO4 F . 4.12 -44.28 -22.63
S SO4 G . 2.17 -2.59 -15.84
O1 SO4 G . 0.78 -2.66 -15.42
O2 SO4 G . 2.91 -1.80 -14.88
O3 SO4 G . 2.88 -3.85 -15.90
O4 SO4 G . 2.16 -1.96 -17.17
S SO4 H . -16.06 -9.08 -11.94
O1 SO4 H . -16.21 -7.92 -11.03
O2 SO4 H . -15.09 -10.00 -11.36
O3 SO4 H . -17.36 -9.70 -12.15
O4 SO4 H . -15.56 -8.58 -13.23
S SO4 I . -2.13 -39.49 -17.30
O1 SO4 I . -3.53 -39.80 -17.62
O2 SO4 I . -1.89 -39.86 -15.90
O3 SO4 I . -1.27 -40.22 -18.26
O4 SO4 I . -1.82 -38.07 -17.38
S SO4 J . -1.11 2.19 20.55
O1 SO4 J . -1.32 2.07 21.99
O2 SO4 J . 0.03 3.09 20.35
O3 SO4 J . -0.79 0.85 20.00
O4 SO4 J . -2.31 2.78 19.89
S SO4 K . 21.04 36.69 10.62
O1 SO4 K . 19.73 36.06 10.72
O2 SO4 K . 20.89 38.16 10.58
O3 SO4 K . 21.81 36.33 11.83
O4 SO4 K . 21.59 36.28 9.32
S SO4 L . -17.61 43.69 26.42
O1 SO4 L . -17.54 42.30 26.86
O2 SO4 L . -18.27 44.45 27.50
O3 SO4 L . -16.25 44.17 26.21
O4 SO4 L . -18.36 43.88 25.16
S SO4 M . 23.92 36.79 24.41
O1 SO4 M . 23.65 36.29 25.78
O2 SO4 M . 24.33 38.20 24.46
O3 SO4 M . 25.02 35.95 23.91
O4 SO4 M . 22.79 36.71 23.47
C1 BME N . 6.20 51.12 24.43
C2 BME N . 5.64 50.28 25.57
O1 BME N . 5.25 52.13 24.17
S2 BME N . 6.92 49.17 26.25
#